data_4FRX
#
_entry.id   4FRX
#
_cell.length_a   138.386
_cell.length_b   90.121
_cell.length_c   103.598
_cell.angle_alpha   90.00
_cell.angle_beta   92.51
_cell.angle_gamma   90.00
#
_symmetry.space_group_name_H-M   'C 1 2 1'
#
loop_
_entity.id
_entity.type
_entity.pdbx_description
1 polymer 'Anaerobically-induced outer membrane porin OprE'
2 non-polymer (HYDROXYETHYLOXY)TRI(ETHYLOXY)OCTANE
3 water water
#
_entity_poly.entity_id   1
_entity_poly.type   'polypeptide(L)'
_entity_poly.pdbx_seq_one_letter_code
;HHHHHHAGFIEDSKASLTLRNFYINTDNRNGTASPSKQEEWGQGFILNYQSGFTQGTVGFGVDALGLLGVRLDGGGRAGK
SGLDRQPGTVFPLESNGEPVHDFASLGLTAKAKVSNTEFRYGTLQPKLPVVTYNDGRLLPVTFEGGQVTSTDLKDFTLVA
GQLEHSKGRNSTDNRSLSIAGANGSSASSRDSNKFYYAGGDYKVNKDLTLQYYYGNLDDFYKQHFLGLIHNWQIGPGVLK
TDLRAFDSSSDGKNGSRSGRADGYVSSGYYGSGVTKGEVDNRAFSGLFTYTVSGHSIGAGYQILNGDSDFPFLNRGDGEG
STAYLITDVQIGKFQRAGERTWQVRYGYDFATVGVPGLTFNTIYLSGDKIKTARGDQSEWERDISLAYVIPDGTFKGLGF
TWKNASFRSGLPAAGSSNNQRDQDENRLIVSYTLPLL
;
_entity_poly.pdbx_strand_id   A,B
#
# COMPACT_ATOMS: atom_id res chain seq x y z
N ALA A 7 -15.00 4.43 -16.62
CA ALA A 7 -14.22 3.63 -15.68
C ALA A 7 -14.73 3.78 -14.25
N GLY A 8 -14.64 2.71 -13.48
CA GLY A 8 -15.11 2.74 -12.11
C GLY A 8 -15.25 1.36 -11.49
N PHE A 9 -15.50 1.36 -10.18
CA PHE A 9 -15.61 0.14 -9.40
C PHE A 9 -16.69 -0.77 -10.01
N ILE A 10 -17.86 -0.20 -10.29
CA ILE A 10 -18.99 -0.94 -10.82
C ILE A 10 -18.86 -1.25 -12.30
N GLU A 11 -18.62 -0.21 -13.10
CA GLU A 11 -18.62 -0.34 -14.55
C GLU A 11 -17.57 -1.32 -15.07
N ASP A 12 -16.44 -1.43 -14.37
CA ASP A 12 -15.36 -2.30 -14.80
C ASP A 12 -15.36 -3.64 -14.05
N SER A 13 -16.34 -3.85 -13.18
CA SER A 13 -16.50 -5.14 -12.48
C SER A 13 -16.73 -6.30 -13.45
N LYS A 14 -16.07 -7.42 -13.17
CA LYS A 14 -16.25 -8.63 -13.95
C LYS A 14 -16.37 -9.83 -13.00
N ALA A 15 -17.02 -10.90 -13.45
CA ALA A 15 -17.04 -12.13 -12.67
C ALA A 15 -16.34 -13.26 -13.42
N SER A 16 -16.86 -14.49 -13.28
CA SER A 16 -16.53 -15.67 -14.09
C SER A 16 -16.80 -16.95 -13.34
N LEU A 17 -17.39 -17.92 -14.03
CA LEU A 17 -17.56 -19.26 -13.46
C LEU A 17 -16.91 -20.31 -14.37
N THR A 18 -15.98 -21.06 -13.81
CA THR A 18 -15.43 -22.21 -14.52
C THR A 18 -15.95 -23.51 -13.88
N LEU A 19 -16.37 -24.43 -14.72
CA LEU A 19 -16.92 -25.69 -14.27
C LEU A 19 -15.89 -26.70 -14.69
N ARG A 20 -15.41 -27.50 -13.74
CA ARG A 20 -14.38 -28.48 -14.04
C ARG A 20 -14.76 -29.86 -13.57
N ASN A 21 -14.94 -30.78 -14.50
CA ASN A 21 -15.19 -32.14 -14.10
C ASN A 21 -13.87 -32.90 -14.22
N PHE A 22 -13.37 -33.39 -13.10
CA PHE A 22 -12.00 -33.93 -13.01
C PHE A 22 -11.95 -35.37 -12.52
N TYR A 23 -11.45 -36.24 -13.38
CA TYR A 23 -11.31 -37.64 -13.04
C TYR A 23 -9.81 -38.00 -13.04
N ILE A 24 -9.36 -38.71 -12.03
CA ILE A 24 -7.99 -39.21 -12.05
C ILE A 24 -7.89 -40.67 -11.59
N ASN A 25 -7.10 -41.46 -12.31
CA ASN A 25 -6.78 -42.79 -11.84
C ASN A 25 -5.28 -43.04 -11.88
N THR A 26 -4.78 -43.70 -10.84
CA THR A 26 -3.36 -43.97 -10.74
C THR A 26 -3.14 -45.44 -10.46
N ASP A 27 -2.09 -45.97 -11.06
CA ASP A 27 -1.69 -47.35 -10.84
C ASP A 27 -0.24 -47.31 -10.35
N ASN A 28 0.00 -47.80 -9.13
CA ASN A 28 1.34 -47.89 -8.57
C ASN A 28 1.83 -49.33 -8.49
N ARG A 29 3.16 -49.50 -8.56
CA ARG A 29 3.78 -50.81 -8.35
C ARG A 29 5.09 -50.67 -7.57
N SER A 36 -0.97 -50.45 -5.66
CA SER A 36 -2.13 -49.59 -5.48
C SER A 36 -2.80 -49.19 -6.80
N LYS A 37 -4.12 -49.36 -6.85
CA LYS A 37 -4.93 -48.73 -7.87
C LYS A 37 -5.83 -47.74 -7.13
N GLN A 38 -5.83 -46.49 -7.58
CA GLN A 38 -6.61 -45.45 -6.91
C GLN A 38 -7.37 -44.59 -7.93
N GLU A 39 -8.55 -44.12 -7.53
CA GLU A 39 -9.42 -43.44 -8.46
C GLU A 39 -10.16 -42.34 -7.71
N GLU A 40 -10.19 -41.13 -8.27
CA GLU A 40 -10.94 -40.01 -7.68
C GLU A 40 -11.68 -39.23 -8.77
N TRP A 41 -12.86 -38.73 -8.43
CA TRP A 41 -13.71 -38.03 -9.40
C TRP A 41 -14.48 -36.91 -8.71
N GLY A 42 -14.38 -35.70 -9.25
CA GLY A 42 -15.06 -34.57 -8.66
C GLY A 42 -15.62 -33.58 -9.65
N GLN A 43 -16.60 -32.81 -9.18
CA GLN A 43 -17.09 -31.68 -9.94
C GLN A 43 -16.64 -30.43 -9.22
N GLY A 44 -15.99 -29.51 -9.95
CA GLY A 44 -15.46 -28.31 -9.34
C GLY A 44 -16.13 -27.06 -9.87
N PHE A 45 -16.21 -26.04 -9.02
CA PHE A 45 -16.82 -24.77 -9.40
C PHE A 45 -15.83 -23.70 -8.96
N ILE A 46 -15.43 -22.87 -9.91
CA ILE A 46 -14.43 -21.84 -9.65
C ILE A 46 -15.06 -20.52 -10.07
N LEU A 47 -15.41 -19.72 -9.09
CA LEU A 47 -16.09 -18.46 -9.35
C LEU A 47 -15.17 -17.28 -9.02
N ASN A 48 -14.78 -16.51 -10.04
CA ASN A 48 -13.90 -15.36 -9.83
C ASN A 48 -14.75 -14.10 -9.94
N TYR A 49 -14.50 -13.13 -9.06
CA TYR A 49 -15.11 -11.82 -9.20
C TYR A 49 -13.98 -10.81 -9.13
N GLN A 50 -14.01 -9.82 -10.01
CA GLN A 50 -12.97 -8.79 -10.06
C GLN A 50 -13.65 -7.44 -10.17
N SER A 51 -13.56 -6.61 -9.13
CA SER A 51 -14.17 -5.29 -9.21
C SER A 51 -13.33 -4.40 -10.11
N GLY A 52 -13.87 -3.22 -10.43
CA GLY A 52 -13.10 -2.15 -11.03
C GLY A 52 -12.45 -1.37 -9.91
N PHE A 53 -11.88 -0.22 -10.24
CA PHE A 53 -11.22 0.63 -9.24
C PHE A 53 -12.00 1.92 -9.02
N THR A 54 -12.10 2.32 -7.76
CA THR A 54 -12.69 3.61 -7.40
C THR A 54 -11.92 4.74 -8.08
N GLN A 55 -12.56 5.89 -8.21
CA GLN A 55 -11.97 7.01 -8.92
C GLN A 55 -10.91 7.71 -8.08
N GLY A 56 -9.98 8.38 -8.77
CA GLY A 56 -8.90 9.07 -8.09
C GLY A 56 -7.57 8.52 -8.57
N THR A 57 -6.50 9.27 -8.31
CA THR A 57 -5.16 8.82 -8.68
C THR A 57 -4.89 7.43 -8.10
N VAL A 58 -5.27 7.23 -6.84
CA VAL A 58 -5.14 5.92 -6.22
C VAL A 58 -6.52 5.29 -6.15
N GLY A 59 -6.75 4.27 -6.97
CA GLY A 59 -8.03 3.57 -6.97
C GLY A 59 -7.99 2.34 -6.08
N PHE A 60 -9.15 1.98 -5.53
CA PHE A 60 -9.25 0.79 -4.69
C PHE A 60 -10.24 -0.19 -5.26
N GLY A 61 -9.99 -1.47 -5.03
CA GLY A 61 -10.88 -2.50 -5.50
C GLY A 61 -10.81 -3.73 -4.61
N VAL A 62 -11.55 -4.76 -5.00
CA VAL A 62 -11.54 -6.03 -4.27
C VAL A 62 -11.83 -7.17 -5.25
N ASP A 63 -11.07 -8.26 -5.15
CA ASP A 63 -11.35 -9.46 -5.93
C ASP A 63 -11.75 -10.59 -4.97
N ALA A 64 -12.50 -11.56 -5.49
CA ALA A 64 -12.92 -12.71 -4.69
C ALA A 64 -12.79 -13.97 -5.54
N LEU A 65 -12.28 -15.03 -4.92
CA LEU A 65 -12.15 -16.31 -5.59
C LEU A 65 -12.87 -17.38 -4.75
N GLY A 66 -13.99 -17.86 -5.27
CA GLY A 66 -14.77 -18.89 -4.59
C GLY A 66 -14.49 -20.24 -5.22
N LEU A 67 -14.18 -21.23 -4.40
CA LEU A 67 -13.83 -22.56 -4.90
C LEU A 67 -14.70 -23.61 -4.23
N LEU A 68 -15.30 -24.51 -5.00
CA LEU A 68 -16.13 -25.59 -4.44
C LEU A 68 -15.85 -26.88 -5.18
N GLY A 69 -15.61 -27.96 -4.43
CA GLY A 69 -15.40 -29.26 -5.03
C GLY A 69 -16.35 -30.27 -4.42
N VAL A 70 -17.01 -31.05 -5.25
CA VAL A 70 -17.98 -32.03 -4.78
C VAL A 70 -17.56 -33.41 -5.27
N ARG A 71 -17.46 -34.38 -4.35
CA ARG A 71 -16.99 -35.72 -4.72
C ARG A 71 -18.07 -36.52 -5.46
N LEU A 72 -17.69 -37.19 -6.54
CA LEU A 72 -18.67 -37.93 -7.35
C LEU A 72 -18.54 -39.45 -7.19
N GLY A 88 -6.25 -39.49 -2.99
CA GLY A 88 -5.93 -38.65 -1.84
C GLY A 88 -5.28 -37.34 -2.21
N THR A 89 -5.34 -36.97 -3.49
CA THR A 89 -4.75 -35.71 -3.94
C THR A 89 -5.81 -34.75 -4.44
N VAL A 90 -7.05 -35.22 -4.54
CA VAL A 90 -8.13 -34.36 -5.01
C VAL A 90 -8.95 -33.76 -3.85
N PHE A 91 -9.36 -34.59 -2.90
CA PHE A 91 -10.23 -34.19 -1.77
C PHE A 91 -9.56 -34.30 -0.40
N PRO A 92 -9.86 -33.37 0.50
CA PRO A 92 -9.41 -33.52 1.89
C PRO A 92 -10.12 -34.69 2.57
N LEU A 93 -9.60 -35.14 3.72
CA LEU A 93 -10.16 -36.27 4.44
C LEU A 93 -10.97 -35.84 5.66
N GLU A 94 -11.94 -36.67 6.04
CA GLU A 94 -12.67 -36.46 7.29
C GLU A 94 -11.77 -36.93 8.43
N SER A 95 -12.14 -36.58 9.66
CA SER A 95 -11.45 -37.10 10.85
C SER A 95 -11.39 -38.63 10.79
N ASN A 96 -12.43 -39.21 10.19
CA ASN A 96 -12.44 -40.61 9.77
C ASN A 96 -11.12 -41.03 9.14
N GLY A 97 -10.89 -40.51 7.95
CA GLY A 97 -9.82 -40.94 7.07
C GLY A 97 -10.41 -41.08 5.68
N GLU A 98 -11.73 -40.92 5.60
CA GLU A 98 -12.44 -40.99 4.33
C GLU A 98 -12.50 -39.61 3.68
N PRO A 99 -12.61 -39.58 2.36
CA PRO A 99 -12.70 -38.32 1.62
C PRO A 99 -14.01 -37.59 1.90
N VAL A 100 -13.94 -36.29 2.15
CA VAL A 100 -15.12 -35.49 2.43
C VAL A 100 -16.08 -35.52 1.25
N HIS A 101 -17.32 -35.11 1.48
CA HIS A 101 -18.32 -35.07 0.44
C HIS A 101 -18.14 -33.86 -0.43
N ASP A 102 -17.68 -32.78 0.18
CA ASP A 102 -17.46 -31.53 -0.53
C ASP A 102 -16.50 -30.68 0.27
N PHE A 103 -15.86 -29.73 -0.41
CA PHE A 103 -15.03 -28.74 0.26
C PHE A 103 -15.04 -27.42 -0.50
N ALA A 104 -14.90 -26.33 0.25
CA ALA A 104 -15.02 -25.00 -0.35
C ALA A 104 -14.16 -23.99 0.36
N SER A 105 -13.78 -22.94 -0.36
CA SER A 105 -13.04 -21.86 0.26
C SER A 105 -13.36 -20.56 -0.47
N LEU A 106 -13.12 -19.46 0.23
CA LEU A 106 -13.32 -18.13 -0.34
C LEU A 106 -12.04 -17.35 -0.11
N GLY A 107 -11.45 -16.83 -1.17
CA GLY A 107 -10.22 -16.08 -1.06
C GLY A 107 -10.41 -14.65 -1.54
N LEU A 108 -10.30 -13.69 -0.63
CA LEU A 108 -10.51 -12.28 -0.95
C LEU A 108 -9.18 -11.57 -1.15
N THR A 109 -9.16 -10.64 -2.08
CA THR A 109 -7.95 -9.85 -2.33
C THR A 109 -8.32 -8.36 -2.40
N ALA A 110 -7.79 -7.57 -1.48
CA ALA A 110 -7.92 -6.12 -1.57
C ALA A 110 -6.89 -5.62 -2.60
N LYS A 111 -7.26 -4.59 -3.36
CA LYS A 111 -6.32 -4.07 -4.36
C LYS A 111 -6.34 -2.55 -4.47
N ALA A 112 -5.19 -1.99 -4.82
CA ALA A 112 -5.09 -0.56 -5.08
C ALA A 112 -4.29 -0.40 -6.35
N LYS A 113 -4.57 0.66 -7.11
CA LYS A 113 -3.84 0.87 -8.34
C LYS A 113 -3.59 2.34 -8.61
N VAL A 114 -2.38 2.65 -9.06
CA VAL A 114 -2.04 3.97 -9.56
C VAL A 114 -1.40 3.74 -10.93
N SER A 115 -1.99 4.35 -11.95
CA SER A 115 -1.53 4.19 -13.34
C SER A 115 -1.55 2.71 -13.72
N ASN A 116 -0.36 2.14 -13.99
CA ASN A 116 -0.24 0.72 -14.33
C ASN A 116 0.52 -0.05 -13.27
N THR A 117 0.38 0.38 -12.03
CA THR A 117 1.04 -0.24 -10.89
C THR A 117 -0.02 -0.67 -9.89
N GLU A 118 -0.14 -1.97 -9.66
CA GLU A 118 -1.20 -2.49 -8.81
C GLU A 118 -0.63 -3.20 -7.57
N PHE A 119 -1.23 -2.91 -6.42
CA PHE A 119 -0.91 -3.59 -5.16
C PHE A 119 -2.04 -4.54 -4.82
N ARG A 120 -1.72 -5.77 -4.44
CA ARG A 120 -2.74 -6.75 -4.10
C ARG A 120 -2.42 -7.34 -2.74
N TYR A 121 -3.45 -7.45 -1.91
CA TYR A 121 -3.26 -7.87 -0.54
C TYR A 121 -4.33 -8.90 -0.14
N GLY A 122 -3.91 -10.12 0.15
CA GLY A 122 -4.83 -11.21 0.37
C GLY A 122 -4.47 -12.41 -0.50
N THR A 123 -5.47 -12.94 -1.19
CA THR A 123 -5.26 -14.13 -1.99
C THR A 123 -4.50 -13.83 -3.29
N LEU A 124 -3.45 -14.60 -3.55
CA LEU A 124 -2.59 -14.41 -4.71
C LEU A 124 -2.40 -15.75 -5.41
N GLN A 125 -2.20 -15.71 -6.72
CA GLN A 125 -1.91 -16.91 -7.51
C GLN A 125 -0.83 -16.59 -8.53
N PRO A 126 0.42 -16.46 -8.08
CA PRO A 126 1.49 -16.05 -8.99
C PRO A 126 1.84 -17.14 -10.01
N LYS A 127 2.31 -16.75 -11.19
CA LYS A 127 2.84 -17.70 -12.16
C LYS A 127 4.23 -17.21 -12.62
N LEU A 128 5.22 -17.37 -11.76
CA LEU A 128 6.54 -16.75 -11.95
C LEU A 128 7.60 -17.81 -11.87
N PRO A 129 8.80 -17.50 -12.37
CA PRO A 129 9.85 -18.54 -12.30
C PRO A 129 10.24 -18.98 -10.89
N VAL A 130 10.02 -18.15 -9.87
CA VAL A 130 10.41 -18.52 -8.52
C VAL A 130 9.20 -18.90 -7.67
N VAL A 131 8.01 -18.80 -8.25
CA VAL A 131 6.78 -19.27 -7.58
C VAL A 131 5.60 -19.32 -8.54
N THR A 132 5.04 -20.52 -8.73
CA THR A 132 3.79 -20.60 -9.49
C THR A 132 2.87 -21.60 -8.84
N TYR A 133 1.59 -21.27 -8.83
CA TYR A 133 0.63 -22.12 -8.15
C TYR A 133 0.32 -23.38 -8.95
N ASN A 134 0.11 -24.47 -8.24
CA ASN A 134 -0.28 -25.72 -8.88
C ASN A 134 -1.79 -25.76 -9.12
N ASP A 135 -2.19 -26.34 -10.25
CA ASP A 135 -3.60 -26.54 -10.55
C ASP A 135 -3.76 -27.87 -11.28
N GLY A 136 -3.11 -28.90 -10.74
CA GLY A 136 -3.11 -30.22 -11.36
C GLY A 136 -4.25 -31.13 -10.96
N ARG A 137 -5.18 -30.65 -10.13
CA ARG A 137 -6.28 -31.50 -9.69
C ARG A 137 -7.61 -30.79 -9.91
N LEU A 138 -8.44 -30.75 -8.87
CA LEU A 138 -9.81 -30.20 -9.04
C LEU A 138 -9.89 -28.70 -8.82
N LEU A 139 -9.28 -28.24 -7.73
CA LEU A 139 -9.28 -26.83 -7.37
C LEU A 139 -7.84 -26.37 -7.24
N PRO A 140 -7.56 -25.13 -7.61
CA PRO A 140 -6.18 -24.62 -7.61
C PRO A 140 -5.61 -24.28 -6.24
N VAL A 141 -4.28 -24.32 -6.17
CA VAL A 141 -3.55 -23.78 -5.04
C VAL A 141 -3.73 -22.27 -5.02
N THR A 142 -3.83 -21.70 -3.82
CA THR A 142 -3.75 -20.25 -3.66
C THR A 142 -2.72 -19.91 -2.58
N PHE A 143 -2.20 -18.69 -2.62
CA PHE A 143 -1.26 -18.23 -1.60
C PHE A 143 -1.89 -17.03 -0.91
N GLU A 144 -1.41 -16.68 0.27
CA GLU A 144 -1.80 -15.43 0.89
C GLU A 144 -0.59 -14.53 1.03
N GLY A 145 -0.72 -13.26 0.71
CA GLY A 145 0.41 -12.36 0.86
C GLY A 145 0.13 -10.96 0.34
N GLY A 146 1.19 -10.22 0.05
CA GLY A 146 1.07 -8.88 -0.51
C GLY A 146 1.97 -8.81 -1.73
N GLN A 147 1.56 -8.07 -2.76
CA GLN A 147 2.31 -8.03 -4.02
C GLN A 147 2.09 -6.73 -4.79
N VAL A 148 3.16 -6.18 -5.36
CA VAL A 148 3.04 -5.07 -6.28
C VAL A 148 3.53 -5.47 -7.67
N THR A 149 2.78 -5.11 -8.71
CA THR A 149 3.20 -5.37 -10.08
C THR A 149 3.11 -4.06 -10.83
N SER A 150 3.95 -3.88 -11.84
CA SER A 150 3.94 -2.64 -12.59
C SER A 150 4.35 -2.80 -14.04
N THR A 151 3.64 -2.15 -14.94
CA THR A 151 4.07 -2.06 -16.34
C THR A 151 4.35 -0.61 -16.75
N ASP A 152 4.42 0.27 -15.76
CA ASP A 152 4.69 1.69 -15.98
C ASP A 152 6.11 1.98 -16.46
N LEU A 153 7.06 1.11 -16.15
CA LEU A 153 8.41 1.21 -16.71
C LEU A 153 8.41 0.53 -18.08
N LYS A 154 8.62 1.31 -19.14
CA LYS A 154 8.44 0.84 -20.51
C LYS A 154 9.21 -0.43 -20.87
N ASP A 155 8.52 -1.36 -21.52
CA ASP A 155 9.06 -2.67 -21.90
C ASP A 155 9.40 -3.63 -20.74
N PHE A 156 9.15 -3.22 -19.49
CA PHE A 156 9.34 -4.10 -18.34
C PHE A 156 8.01 -4.50 -17.76
N THR A 157 7.95 -5.69 -17.20
CA THR A 157 6.82 -6.11 -16.36
C THR A 157 7.44 -6.51 -15.03
N LEU A 158 7.23 -5.70 -13.99
CA LEU A 158 7.95 -5.89 -12.75
C LEU A 158 7.04 -6.39 -11.63
N VAL A 159 7.63 -7.10 -10.67
CA VAL A 159 6.84 -7.65 -9.56
C VAL A 159 7.72 -7.81 -8.34
N ALA A 160 7.11 -7.61 -7.18
CA ALA A 160 7.75 -7.85 -5.90
C ALA A 160 6.64 -8.20 -4.93
N GLY A 161 6.89 -9.13 -4.03
CA GLY A 161 5.86 -9.55 -3.11
C GLY A 161 6.42 -10.34 -1.95
N GLN A 162 5.53 -10.67 -1.02
CA GLN A 162 5.85 -11.45 0.15
C GLN A 162 4.68 -12.38 0.37
N LEU A 163 4.96 -13.69 0.48
CA LEU A 163 3.91 -14.68 0.75
C LEU A 163 4.06 -15.24 2.15
N GLU A 164 2.94 -15.56 2.78
CA GLU A 164 2.99 -16.07 4.16
C GLU A 164 2.46 -17.49 4.28
N HIS A 165 1.42 -17.79 3.50
CA HIS A 165 0.73 -19.08 3.60
C HIS A 165 0.31 -19.57 2.22
N SER A 166 -0.06 -20.84 2.14
CA SER A 166 -0.65 -21.39 0.93
C SER A 166 -1.75 -22.38 1.32
N LYS A 167 -2.78 -22.45 0.48
CA LYS A 167 -3.85 -23.43 0.61
C LYS A 167 -3.72 -24.44 -0.51
N GLY A 168 -3.51 -25.72 -0.15
CA GLY A 168 -3.33 -26.77 -1.13
C GLY A 168 -4.53 -27.02 -2.02
N ARG A 169 -4.29 -27.74 -3.12
CA ARG A 169 -5.37 -28.05 -4.05
C ARG A 169 -6.44 -28.94 -3.42
N ASN A 170 -6.03 -29.71 -2.40
CA ASN A 170 -6.91 -30.67 -1.74
C ASN A 170 -7.24 -30.24 -0.30
N SER A 171 -7.26 -28.94 -0.06
CA SER A 171 -7.45 -28.42 1.29
C SER A 171 -8.31 -27.14 1.30
N THR A 172 -8.83 -26.80 2.47
CA THR A 172 -9.49 -25.50 2.65
C THR A 172 -8.67 -24.58 3.55
N ASP A 173 -7.57 -25.09 4.08
CA ASP A 173 -6.79 -24.37 5.09
C ASP A 173 -5.50 -23.76 4.56
N ASN A 174 -5.21 -22.55 5.03
CA ASN A 174 -3.90 -21.96 4.79
C ASN A 174 -2.89 -22.47 5.80
N ARG A 175 -1.71 -22.82 5.30
CA ARG A 175 -0.63 -23.34 6.14
C ARG A 175 0.66 -22.63 5.78
N SER A 176 1.65 -22.69 6.66
CA SER A 176 2.95 -22.11 6.37
C SER A 176 3.68 -22.80 5.23
N LEU A 177 4.69 -22.14 4.68
CA LEU A 177 5.39 -22.63 3.48
C LEU A 177 6.55 -23.58 3.79
N SER A 178 6.79 -24.57 2.93
CA SER A 178 7.92 -25.47 3.16
C SER A 178 8.46 -25.96 1.82
N ILE A 179 9.45 -26.85 1.88
CA ILE A 179 10.07 -27.44 0.70
C ILE A 179 10.22 -28.94 0.95
N ALA A 180 10.45 -29.71 -0.11
CA ALA A 180 10.66 -31.17 0.01
C ALA A 180 11.83 -31.45 0.92
N GLY A 181 11.65 -32.42 1.83
CA GLY A 181 12.67 -32.74 2.80
C GLY A 181 12.29 -32.26 4.18
N ALA A 182 11.55 -31.18 4.25
CA ALA A 182 11.13 -30.62 5.52
C ALA A 182 9.62 -30.54 5.61
N ASN A 183 8.94 -31.00 4.58
CA ASN A 183 7.51 -30.73 4.45
C ASN A 183 6.63 -31.88 4.96
N GLY A 184 5.36 -31.88 4.58
CA GLY A 184 4.43 -32.87 5.10
C GLY A 184 3.87 -32.42 6.43
N SER A 185 3.39 -33.36 7.25
CA SER A 185 2.74 -32.99 8.51
C SER A 185 3.28 -33.70 9.74
N SER A 186 4.41 -34.39 9.60
CA SER A 186 5.02 -35.09 10.73
C SER A 186 5.49 -34.07 11.78
N ALA A 187 5.85 -34.58 12.96
CA ALA A 187 6.33 -33.70 14.03
C ALA A 187 7.68 -33.10 13.66
N SER A 188 8.43 -33.81 12.82
CA SER A 188 9.77 -33.37 12.43
C SER A 188 9.74 -32.28 11.37
N SER A 189 8.59 -32.09 10.73
CA SER A 189 8.48 -31.12 9.65
C SER A 189 8.74 -29.70 10.14
N ARG A 190 9.24 -28.86 9.23
CA ARG A 190 9.48 -27.47 9.55
C ARG A 190 9.01 -26.60 8.41
N ASP A 191 8.63 -25.37 8.73
CA ASP A 191 8.13 -24.50 7.68
C ASP A 191 8.52 -23.06 7.98
N SER A 192 8.06 -22.16 7.13
CA SER A 192 8.40 -20.76 7.25
C SER A 192 7.21 -19.93 6.81
N ASN A 193 7.01 -18.79 7.45
CA ASN A 193 5.90 -17.93 7.07
C ASN A 193 6.34 -16.66 6.36
N LYS A 194 7.56 -16.66 5.80
CA LYS A 194 8.04 -15.54 5.01
C LYS A 194 8.72 -15.98 3.71
N PHE A 195 8.11 -15.64 2.58
CA PHE A 195 8.72 -15.84 1.27
C PHE A 195 8.71 -14.53 0.51
N TYR A 196 9.90 -14.02 0.17
CA TYR A 196 10.03 -12.77 -0.57
C TYR A 196 10.42 -13.06 -1.99
N TYR A 197 9.88 -12.28 -2.93
CA TYR A 197 10.19 -12.47 -4.32
C TYR A 197 10.15 -11.15 -5.07
N ALA A 198 10.91 -11.08 -6.15
CA ALA A 198 10.99 -9.89 -6.97
C ALA A 198 11.59 -10.27 -8.30
N GLY A 199 11.16 -9.61 -9.37
CA GLY A 199 11.86 -9.72 -10.62
C GLY A 199 11.10 -9.08 -11.76
N GLY A 200 11.50 -9.39 -12.98
CA GLY A 200 10.84 -8.79 -14.11
C GLY A 200 11.10 -9.50 -15.42
N ASP A 201 10.26 -9.18 -16.40
CA ASP A 201 10.46 -9.60 -17.78
C ASP A 201 10.78 -8.33 -18.54
N TYR A 202 11.88 -8.32 -19.26
CA TYR A 202 12.20 -7.21 -20.16
C TYR A 202 12.02 -7.63 -21.61
N LYS A 203 11.15 -6.93 -22.31
CA LYS A 203 10.93 -7.17 -23.74
C LYS A 203 11.94 -6.36 -24.53
N VAL A 204 12.92 -7.02 -25.11
CA VAL A 204 13.96 -6.33 -25.86
C VAL A 204 13.41 -5.83 -27.19
N ASN A 205 12.67 -6.71 -27.85
CA ASN A 205 12.03 -6.42 -29.12
C ASN A 205 10.96 -7.47 -29.31
N LYS A 206 10.43 -7.56 -30.52
CA LYS A 206 9.36 -8.48 -30.87
C LYS A 206 9.75 -9.96 -30.64
N ASP A 207 11.03 -10.27 -30.73
CA ASP A 207 11.47 -11.65 -30.78
C ASP A 207 12.17 -12.13 -29.51
N LEU A 208 12.53 -11.22 -28.62
CA LEU A 208 13.40 -11.55 -27.50
C LEU A 208 12.94 -10.94 -26.18
N THR A 209 12.85 -11.79 -25.16
CA THR A 209 12.53 -11.38 -23.81
C THR A 209 13.59 -11.92 -22.86
N LEU A 210 14.00 -11.10 -21.91
CA LEU A 210 14.93 -11.53 -20.85
C LEU A 210 14.19 -11.50 -19.51
N GLN A 211 14.66 -12.29 -18.55
CA GLN A 211 14.01 -12.36 -17.26
C GLN A 211 15.07 -12.48 -16.17
N TYR A 212 14.81 -11.85 -15.04
CA TYR A 212 15.57 -12.09 -13.84
C TYR A 212 14.56 -12.14 -12.72
N TYR A 213 14.64 -13.19 -11.89
CA TYR A 213 13.81 -13.30 -10.71
C TYR A 213 14.61 -13.74 -9.48
N TYR A 214 14.10 -13.37 -8.32
CA TYR A 214 14.71 -13.68 -7.06
C TYR A 214 13.64 -14.23 -6.14
N GLY A 215 13.96 -15.32 -5.44
CA GLY A 215 13.07 -15.89 -4.46
C GLY A 215 13.80 -16.23 -3.17
N ASN A 216 13.16 -15.98 -2.04
CA ASN A 216 13.77 -16.23 -0.74
C ASN A 216 12.77 -16.79 0.28
N LEU A 217 12.80 -18.11 0.50
CA LEU A 217 12.02 -18.68 1.59
C LEU A 217 12.84 -18.54 2.86
N ASP A 218 12.36 -17.70 3.77
CA ASP A 218 13.11 -17.44 4.99
C ASP A 218 13.44 -18.72 5.77
N ASP A 219 14.72 -18.84 6.14
CA ASP A 219 15.31 -19.97 6.88
C ASP A 219 15.54 -21.22 6.05
N PHE A 220 15.27 -21.11 4.76
CA PHE A 220 15.46 -22.24 3.85
C PHE A 220 16.38 -21.91 2.69
N TYR A 221 16.00 -20.95 1.84
CA TYR A 221 16.81 -20.74 0.65
C TYR A 221 16.69 -19.36 0.04
N LYS A 222 17.72 -18.99 -0.71
CA LYS A 222 17.64 -17.89 -1.66
C LYS A 222 17.89 -18.43 -3.06
N GLN A 223 17.16 -17.91 -4.03
CA GLN A 223 17.20 -18.46 -5.36
C GLN A 223 17.20 -17.33 -6.37
N HIS A 224 18.17 -17.35 -7.27
CA HIS A 224 18.21 -16.42 -8.39
C HIS A 224 17.93 -17.18 -9.69
N PHE A 225 17.24 -16.52 -10.62
CA PHE A 225 16.88 -17.10 -11.89
C PHE A 225 17.18 -16.09 -13.00
N LEU A 226 17.80 -16.56 -14.08
CA LEU A 226 17.91 -15.80 -15.33
C LEU A 226 17.21 -16.62 -16.42
N GLY A 227 16.56 -15.93 -17.35
CA GLY A 227 15.85 -16.61 -18.43
C GLY A 227 15.93 -15.85 -19.74
N LEU A 228 15.78 -16.57 -20.84
CA LEU A 228 15.74 -15.93 -22.15
C LEU A 228 14.75 -16.72 -22.96
N ILE A 229 13.92 -16.01 -23.72
CA ILE A 229 13.05 -16.64 -24.68
C ILE A 229 13.24 -15.91 -26.00
N HIS A 230 13.60 -16.65 -27.04
CA HIS A 230 13.83 -16.03 -28.35
C HIS A 230 13.04 -16.74 -29.45
N ASN A 231 12.40 -15.96 -30.30
CA ASN A 231 11.64 -16.52 -31.40
C ASN A 231 12.27 -16.13 -32.73
N TRP A 232 12.54 -17.12 -33.58
CA TRP A 232 13.37 -16.94 -34.76
C TRP A 232 12.61 -17.43 -35.98
N GLN A 233 12.19 -16.50 -36.83
CA GLN A 233 11.48 -16.85 -38.05
C GLN A 233 12.44 -17.48 -39.05
N ILE A 234 12.22 -18.74 -39.38
CA ILE A 234 13.01 -19.43 -40.39
C ILE A 234 12.10 -19.99 -41.46
N GLY A 235 11.91 -19.24 -42.54
CA GLY A 235 11.00 -19.63 -43.60
C GLY A 235 9.57 -19.64 -43.09
N PRO A 236 8.85 -20.74 -43.33
CA PRO A 236 7.46 -20.85 -42.88
C PRO A 236 7.41 -21.31 -41.44
N GLY A 237 8.57 -21.54 -40.84
CA GLY A 237 8.63 -22.09 -39.48
C GLY A 237 9.26 -21.16 -38.47
N VAL A 238 8.99 -21.41 -37.19
CA VAL A 238 9.53 -20.61 -36.10
C VAL A 238 10.34 -21.49 -35.15
N LEU A 239 11.56 -21.07 -34.81
CA LEU A 239 12.34 -21.75 -33.79
C LEU A 239 12.31 -20.92 -32.52
N LYS A 240 11.87 -21.53 -31.44
CA LYS A 240 11.78 -20.89 -30.14
C LYS A 240 12.86 -21.47 -29.23
N THR A 241 13.63 -20.59 -28.59
CA THR A 241 14.75 -20.99 -27.76
C THR A 241 14.41 -20.56 -26.34
N ASP A 242 14.54 -21.48 -25.40
CA ASP A 242 14.10 -21.23 -24.03
C ASP A 242 15.27 -21.62 -23.15
N LEU A 243 15.90 -20.63 -22.52
CA LEU A 243 17.08 -20.86 -21.66
C LEU A 243 16.77 -20.45 -20.23
N ARG A 244 17.24 -21.25 -19.28
CA ARG A 244 16.98 -21.00 -17.87
C ARG A 244 18.20 -21.36 -17.05
N ALA A 245 18.45 -20.57 -16.02
CA ALA A 245 19.57 -20.76 -15.12
C ALA A 245 19.08 -20.40 -13.74
N PHE A 246 19.19 -21.31 -12.77
CA PHE A 246 18.81 -21.05 -11.38
C PHE A 246 20.02 -21.25 -10.49
N ASP A 247 20.26 -20.36 -9.53
CA ASP A 247 21.25 -20.65 -8.50
C ASP A 247 20.50 -20.63 -7.17
N SER A 248 20.53 -21.75 -6.44
CA SER A 248 19.82 -21.84 -5.17
C SER A 248 20.82 -22.13 -4.05
N SER A 249 20.76 -21.34 -2.99
CA SER A 249 21.68 -21.54 -1.87
C SER A 249 20.95 -21.39 -0.56
N SER A 250 21.61 -21.73 0.54
CA SER A 250 20.97 -21.73 1.85
C SER A 250 20.71 -20.33 2.41
N ASP A 251 19.69 -20.24 3.25
CA ASP A 251 19.35 -19.00 3.93
C ASP A 251 19.04 -19.34 5.38
N GLY A 252 19.45 -18.49 6.31
CA GLY A 252 19.10 -18.65 7.71
C GLY A 252 19.41 -20.02 8.30
N LYS A 253 18.39 -20.64 8.89
CA LYS A 253 18.57 -21.90 9.62
C LYS A 253 19.16 -23.02 8.77
N ASN A 254 18.69 -23.14 7.54
CA ASN A 254 19.22 -24.15 6.63
C ASN A 254 20.73 -23.98 6.38
N GLY A 255 21.21 -22.74 6.50
CA GLY A 255 22.63 -22.45 6.27
C GLY A 255 23.50 -22.66 7.51
N SER A 256 22.92 -23.16 8.59
CA SER A 256 23.66 -23.39 9.82
C SER A 256 23.55 -24.85 10.25
N ARG A 257 24.60 -25.38 10.86
CA ARG A 257 24.56 -26.76 11.34
C ARG A 257 23.40 -27.00 12.30
N SER A 258 23.21 -26.10 13.27
CA SER A 258 22.19 -26.32 14.28
C SER A 258 20.79 -26.23 13.67
N GLY A 259 20.64 -25.37 12.67
CA GLY A 259 19.37 -25.19 12.01
C GLY A 259 18.97 -26.47 11.30
N ARG A 260 19.92 -27.05 10.58
CA ARG A 260 19.67 -28.31 9.86
C ARG A 260 19.38 -29.46 10.83
N ALA A 261 20.11 -29.48 11.95
CA ALA A 261 19.85 -30.42 13.02
C ALA A 261 18.41 -30.33 13.54
N ASP A 262 17.82 -29.14 13.51
CA ASP A 262 16.44 -28.96 13.97
C ASP A 262 15.41 -29.17 12.85
N GLY A 263 15.90 -29.54 11.67
CA GLY A 263 14.98 -29.92 10.61
C GLY A 263 14.79 -28.91 9.51
N TYR A 264 15.56 -27.82 9.51
CA TYR A 264 15.50 -26.90 8.37
C TYR A 264 16.38 -27.42 7.24
N VAL A 265 15.87 -28.41 6.53
CA VAL A 265 16.65 -29.16 5.55
C VAL A 265 15.91 -29.37 4.24
N SER A 266 16.69 -29.65 3.20
CA SER A 266 16.17 -29.96 1.88
C SER A 266 16.55 -31.39 1.55
N SER A 267 15.69 -32.08 0.81
CA SER A 267 16.09 -33.33 0.18
C SER A 267 17.26 -33.11 -0.79
N GLY A 268 18.12 -34.11 -0.90
CA GLY A 268 19.26 -34.07 -1.78
C GLY A 268 20.05 -35.34 -1.48
N TYR A 269 21.33 -35.36 -1.82
CA TYR A 269 22.18 -36.48 -1.43
C TYR A 269 23.53 -35.95 -0.96
N TYR A 270 23.91 -36.31 0.26
CA TYR A 270 25.05 -35.66 0.91
C TYR A 270 26.11 -36.63 1.33
N GLY A 271 26.07 -37.84 0.77
CA GLY A 271 27.04 -38.87 1.10
C GLY A 271 26.62 -39.72 2.28
N SER A 272 27.20 -40.92 2.37
CA SER A 272 26.96 -41.81 3.50
C SER A 272 25.49 -42.13 3.79
N GLY A 273 24.64 -42.09 2.77
CA GLY A 273 23.24 -42.41 2.94
C GLY A 273 22.41 -41.27 3.51
N VAL A 274 23.00 -40.09 3.62
CA VAL A 274 22.28 -38.92 4.13
C VAL A 274 21.52 -38.21 2.98
N THR A 275 20.21 -38.06 3.14
CA THR A 275 19.37 -37.51 2.07
C THR A 275 18.70 -36.16 2.41
N LYS A 276 19.15 -35.53 3.49
CA LYS A 276 18.59 -34.22 3.87
C LYS A 276 19.75 -33.32 4.28
N GLY A 277 19.70 -32.05 3.92
CA GLY A 277 20.79 -31.17 4.27
C GLY A 277 20.66 -29.75 3.73
N GLU A 278 21.80 -29.14 3.42
CA GLU A 278 21.83 -27.72 3.07
C GLU A 278 21.35 -27.56 1.63
N VAL A 279 20.59 -26.51 1.36
CA VAL A 279 20.26 -26.17 -0.03
C VAL A 279 21.56 -25.80 -0.76
N ASP A 280 21.71 -26.30 -1.98
CA ASP A 280 22.94 -26.22 -2.75
C ASP A 280 22.65 -26.82 -4.11
N ASN A 281 22.05 -26.02 -5.00
CA ASN A 281 21.65 -26.51 -6.32
C ASN A 281 21.83 -25.45 -7.41
N ARG A 282 22.42 -25.87 -8.52
CA ARG A 282 22.51 -25.05 -9.72
CA ARG A 282 22.51 -25.05 -9.72
C ARG A 282 21.82 -25.80 -10.84
N ALA A 283 20.85 -25.16 -11.50
CA ALA A 283 20.09 -25.81 -12.56
C ALA A 283 20.27 -25.00 -13.85
N PHE A 284 20.48 -25.66 -14.98
CA PHE A 284 20.62 -24.96 -16.27
CA PHE A 284 20.57 -24.95 -16.24
C PHE A 284 19.86 -25.75 -17.32
N SER A 285 19.11 -25.07 -18.17
CA SER A 285 18.41 -25.80 -19.21
C SER A 285 18.30 -25.01 -20.51
N GLY A 286 18.21 -25.75 -21.62
CA GLY A 286 17.98 -25.20 -22.94
C GLY A 286 16.92 -26.06 -23.59
N LEU A 287 15.86 -25.43 -24.10
CA LEU A 287 14.82 -26.17 -24.80
C LEU A 287 14.57 -25.46 -26.13
N PHE A 288 14.55 -26.23 -27.22
CA PHE A 288 14.39 -25.66 -28.54
C PHE A 288 13.20 -26.32 -29.18
N THR A 289 12.31 -25.51 -29.72
CA THR A 289 11.08 -26.03 -30.30
C THR A 289 10.93 -25.41 -31.69
N TYR A 290 10.82 -26.25 -32.71
CA TYR A 290 10.59 -25.79 -34.06
C TYR A 290 9.17 -26.15 -34.49
N THR A 291 8.44 -25.14 -34.98
CA THR A 291 7.03 -25.29 -35.28
C THR A 291 6.76 -24.89 -36.73
N VAL A 292 6.21 -25.81 -37.50
CA VAL A 292 5.86 -25.51 -38.88
C VAL A 292 4.66 -26.35 -39.30
N SER A 293 3.74 -25.72 -40.03
CA SER A 293 2.61 -26.42 -40.65
C SER A 293 1.78 -27.24 -39.67
N GLY A 294 1.64 -26.73 -38.44
CA GLY A 294 0.84 -27.40 -37.44
C GLY A 294 1.68 -28.28 -36.53
N HIS A 295 2.84 -28.72 -37.01
CA HIS A 295 3.73 -29.59 -36.25
C HIS A 295 4.63 -28.77 -35.33
N SER A 296 4.83 -29.25 -34.12
CA SER A 296 5.88 -28.71 -33.26
C SER A 296 6.79 -29.84 -32.82
N ILE A 297 8.09 -29.64 -32.98
CA ILE A 297 9.07 -30.62 -32.55
C ILE A 297 10.10 -29.94 -31.65
N GLY A 298 10.32 -30.52 -30.47
CA GLY A 298 11.21 -29.93 -29.50
C GLY A 298 12.25 -30.87 -28.93
N ALA A 299 13.38 -30.31 -28.52
CA ALA A 299 14.42 -31.09 -27.84
C ALA A 299 15.03 -30.24 -26.73
N GLY A 300 15.27 -30.83 -25.57
CA GLY A 300 15.74 -30.04 -24.44
C GLY A 300 16.72 -30.80 -23.56
N TYR A 301 17.51 -30.06 -22.79
CA TYR A 301 18.44 -30.67 -21.86
C TYR A 301 18.47 -29.83 -20.61
N GLN A 302 18.55 -30.51 -19.47
CA GLN A 302 18.62 -29.84 -18.18
C GLN A 302 19.70 -30.51 -17.32
N ILE A 303 20.51 -29.69 -16.65
CA ILE A 303 21.56 -30.20 -15.79
C ILE A 303 21.39 -29.64 -14.38
N LEU A 304 21.32 -30.52 -13.38
CA LEU A 304 21.30 -30.12 -11.98
C LEU A 304 22.61 -30.48 -11.32
N ASN A 305 23.28 -29.50 -10.73
CA ASN A 305 24.52 -29.75 -9.99
C ASN A 305 24.37 -29.28 -8.56
N GLY A 306 25.16 -29.84 -7.65
CA GLY A 306 25.05 -29.52 -6.23
C GLY A 306 24.46 -30.68 -5.44
N ASP A 307 24.55 -30.60 -4.12
CA ASP A 307 24.08 -31.68 -3.25
C ASP A 307 22.58 -31.71 -2.98
N SER A 308 21.88 -30.61 -3.23
CA SER A 308 20.45 -30.60 -2.90
C SER A 308 19.61 -30.73 -4.16
N ASP A 309 18.39 -31.23 -3.99
CA ASP A 309 17.37 -31.16 -5.05
C ASP A 309 17.13 -29.71 -5.39
N PHE A 310 16.50 -29.48 -6.53
CA PHE A 310 16.08 -28.14 -6.87
C PHE A 310 14.98 -27.71 -5.91
N PRO A 311 15.14 -26.57 -5.22
CA PRO A 311 14.12 -26.16 -4.23
C PRO A 311 13.00 -25.31 -4.83
N PHE A 312 11.78 -25.54 -4.34
CA PHE A 312 10.58 -24.81 -4.73
C PHE A 312 9.51 -25.02 -3.65
N LEU A 313 8.57 -24.09 -3.56
CA LEU A 313 7.54 -24.12 -2.50
C LEU A 313 6.68 -25.37 -2.65
N ASN A 314 6.57 -26.14 -1.58
CA ASN A 314 5.98 -27.48 -1.66
C ASN A 314 5.57 -27.94 -0.29
N ARG A 315 4.27 -27.87 0.02
CA ARG A 315 3.79 -28.22 1.36
C ARG A 315 3.81 -29.74 1.58
N GLY A 316 3.69 -30.49 0.49
CA GLY A 316 3.52 -31.93 0.62
C GLY A 316 2.08 -32.27 0.99
N ASP A 317 1.86 -33.47 1.52
CA ASP A 317 0.51 -33.95 1.86
C ASP A 317 -0.44 -33.89 0.67
N GLY A 318 0.10 -34.07 -0.54
CA GLY A 318 -0.68 -34.08 -1.76
C GLY A 318 -1.23 -32.74 -2.20
N GLU A 319 -0.69 -31.66 -1.66
CA GLU A 319 -1.28 -30.32 -1.88
C GLU A 319 -0.93 -29.70 -3.22
N GLY A 320 0.05 -30.28 -3.91
CA GLY A 320 0.45 -29.81 -5.23
C GLY A 320 1.58 -28.80 -5.18
N SER A 321 2.49 -28.90 -6.14
CA SER A 321 3.60 -27.95 -6.22
C SER A 321 4.04 -27.89 -7.66
N THR A 322 4.59 -26.76 -8.06
CA THR A 322 5.10 -26.59 -9.42
C THR A 322 6.50 -26.01 -9.40
N ALA A 323 7.45 -26.68 -10.05
CA ALA A 323 8.79 -26.12 -10.24
C ALA A 323 8.85 -25.52 -11.64
N TYR A 324 9.50 -24.37 -11.78
CA TYR A 324 9.63 -23.77 -13.11
C TYR A 324 10.81 -24.37 -13.89
N LEU A 325 10.73 -25.69 -14.07
CA LEU A 325 11.73 -26.46 -14.81
C LEU A 325 11.07 -27.01 -16.07
N ILE A 326 11.85 -27.13 -17.14
CA ILE A 326 11.35 -27.74 -18.38
C ILE A 326 10.97 -29.20 -18.22
N THR A 327 11.32 -29.76 -17.07
CA THR A 327 11.06 -31.16 -16.74
C THR A 327 9.90 -31.33 -15.76
N ASP A 328 9.18 -30.26 -15.44
CA ASP A 328 8.04 -30.40 -14.54
C ASP A 328 6.88 -30.90 -15.40
N VAL A 329 6.57 -32.18 -15.27
CA VAL A 329 5.62 -32.86 -16.15
C VAL A 329 4.51 -33.52 -15.32
N GLN A 330 3.81 -34.49 -15.88
CA GLN A 330 2.56 -34.92 -15.27
C GLN A 330 2.79 -35.63 -13.94
N ILE A 331 3.80 -36.49 -13.90
CA ILE A 331 4.08 -37.22 -12.66
C ILE A 331 5.35 -36.69 -12.02
N GLY A 332 6.48 -36.81 -12.73
CA GLY A 332 7.77 -36.45 -12.15
C GLY A 332 8.15 -35.00 -12.38
N LYS A 333 9.24 -34.56 -11.75
CA LYS A 333 9.77 -33.23 -12.01
C LYS A 333 11.26 -33.27 -12.38
N PHE A 334 11.86 -34.45 -12.31
CA PHE A 334 13.29 -34.66 -12.62
C PHE A 334 14.17 -33.62 -11.94
N GLN A 335 13.89 -33.39 -10.66
CA GLN A 335 14.43 -32.26 -9.92
C GLN A 335 15.44 -32.68 -8.87
N ARG A 336 15.85 -33.95 -8.93
CA ARG A 336 16.68 -34.54 -7.88
C ARG A 336 18.14 -34.17 -8.02
N ALA A 337 18.83 -34.08 -6.89
CA ALA A 337 20.26 -33.77 -6.85
C ALA A 337 21.09 -34.59 -7.85
N GLY A 338 21.83 -33.89 -8.72
CA GLY A 338 22.73 -34.52 -9.66
C GLY A 338 22.11 -34.86 -11.01
N GLU A 339 20.79 -34.81 -11.11
CA GLU A 339 20.11 -35.39 -12.26
C GLU A 339 20.30 -34.57 -13.56
N ARG A 340 20.70 -35.25 -14.63
CA ARG A 340 20.71 -34.66 -15.96
C ARG A 340 19.57 -35.29 -16.72
N THR A 341 18.82 -34.47 -17.47
CA THR A 341 17.62 -34.95 -18.14
C THR A 341 17.56 -34.45 -19.58
N TRP A 342 17.42 -35.37 -20.53
CA TRP A 342 17.12 -34.96 -21.90
C TRP A 342 15.64 -35.21 -22.20
N GLN A 343 15.09 -34.48 -23.16
CA GLN A 343 13.69 -34.65 -23.49
C GLN A 343 13.44 -34.34 -24.95
N VAL A 344 12.43 -34.99 -25.50
CA VAL A 344 11.95 -34.68 -26.83
C VAL A 344 10.45 -34.46 -26.77
N ARG A 345 9.98 -33.51 -27.57
CA ARG A 345 8.57 -33.15 -27.58
C ARG A 345 8.03 -33.19 -29.00
N TYR A 346 6.79 -33.64 -29.14
CA TYR A 346 6.08 -33.53 -30.40
C TYR A 346 4.65 -33.05 -30.17
N GLY A 347 4.19 -32.15 -31.02
CA GLY A 347 2.80 -31.71 -30.98
C GLY A 347 2.21 -31.51 -32.36
N TYR A 348 0.89 -31.63 -32.45
CA TYR A 348 0.19 -31.33 -33.69
C TYR A 348 -1.11 -30.60 -33.41
N ASP A 349 -1.30 -29.48 -34.09
CA ASP A 349 -2.53 -28.70 -34.01
C ASP A 349 -3.38 -29.04 -35.22
N PHE A 350 -4.53 -29.67 -35.00
CA PHE A 350 -5.34 -30.17 -36.11
C PHE A 350 -6.15 -29.09 -36.83
N ALA A 351 -6.00 -27.83 -36.40
CA ALA A 351 -6.66 -26.72 -37.08
C ALA A 351 -6.17 -26.59 -38.52
N THR A 352 -4.89 -26.88 -38.73
CA THR A 352 -4.30 -26.71 -40.05
C THR A 352 -4.85 -27.73 -41.06
N VAL A 353 -5.53 -28.74 -40.55
CA VAL A 353 -5.99 -29.84 -41.37
C VAL A 353 -7.54 -29.95 -41.35
N GLY A 354 -8.19 -29.01 -40.67
CA GLY A 354 -9.63 -28.92 -40.74
C GLY A 354 -10.40 -29.24 -39.46
N VAL A 355 -9.69 -29.54 -38.38
CA VAL A 355 -10.32 -29.84 -37.11
C VAL A 355 -9.89 -28.86 -36.02
N PRO A 356 -10.30 -27.59 -36.13
CA PRO A 356 -9.84 -26.59 -35.17
C PRO A 356 -10.32 -26.93 -33.76
N GLY A 357 -9.44 -26.73 -32.79
CA GLY A 357 -9.76 -27.06 -31.41
C GLY A 357 -9.23 -28.39 -30.93
N LEU A 358 -8.78 -29.24 -31.87
CA LEU A 358 -8.18 -30.53 -31.51
C LEU A 358 -6.66 -30.44 -31.56
N THR A 359 -5.99 -30.84 -30.46
CA THR A 359 -4.54 -30.83 -30.41
C THR A 359 -3.99 -32.11 -29.77
N PHE A 360 -2.80 -32.53 -30.18
CA PHE A 360 -2.11 -33.63 -29.53
C PHE A 360 -0.72 -33.21 -29.13
N ASN A 361 -0.30 -33.58 -27.92
CA ASN A 361 1.08 -33.34 -27.52
C ASN A 361 1.68 -34.55 -26.81
N THR A 362 2.98 -34.76 -26.99
CA THR A 362 3.66 -35.78 -26.22
C THR A 362 5.08 -35.37 -25.87
N ILE A 363 5.59 -35.90 -24.77
CA ILE A 363 6.94 -35.59 -24.35
C ILE A 363 7.53 -36.83 -23.72
N TYR A 364 8.79 -37.08 -24.01
CA TYR A 364 9.47 -38.19 -23.38
C TYR A 364 10.65 -37.58 -22.66
N LEU A 365 10.88 -37.98 -21.41
CA LEU A 365 12.02 -37.47 -20.64
C LEU A 365 12.83 -38.63 -20.05
N SER A 366 14.15 -38.46 -20.01
CA SER A 366 15.02 -39.50 -19.48
C SER A 366 16.07 -38.85 -18.60
N GLY A 367 16.06 -39.18 -17.32
CA GLY A 367 16.95 -38.60 -16.33
C GLY A 367 17.99 -39.61 -15.85
N ASP A 368 19.22 -39.16 -15.65
CA ASP A 368 20.22 -40.05 -15.07
C ASP A 368 21.19 -39.31 -14.19
N LYS A 369 22.18 -40.05 -13.66
CA LYS A 369 23.13 -39.54 -12.69
C LYS A 369 22.48 -38.99 -11.42
N ILE A 370 21.28 -39.48 -11.12
CA ILE A 370 20.63 -39.16 -9.86
C ILE A 370 21.49 -39.69 -8.71
N LYS A 371 21.94 -38.81 -7.82
CA LYS A 371 22.80 -39.26 -6.74
C LYS A 371 21.98 -39.91 -5.62
N THR A 372 22.35 -41.12 -5.22
CA THR A 372 21.54 -41.81 -4.21
C THR A 372 22.45 -42.68 -3.37
N ALA A 373 21.89 -43.21 -2.30
CA ALA A 373 22.65 -44.09 -1.41
C ALA A 373 23.04 -45.39 -2.13
N ARG A 374 22.35 -45.68 -3.23
CA ARG A 374 22.61 -46.87 -4.04
C ARG A 374 23.50 -46.61 -5.25
N GLY A 375 24.09 -45.41 -5.31
CA GLY A 375 24.88 -45.02 -6.46
C GLY A 375 24.03 -44.23 -7.45
N ASP A 376 24.52 -44.09 -8.68
CA ASP A 376 23.78 -43.34 -9.70
C ASP A 376 22.51 -44.08 -10.16
N GLN A 377 21.40 -43.34 -10.22
CA GLN A 377 20.13 -43.93 -10.65
C GLN A 377 19.50 -43.17 -11.83
N SER A 378 18.53 -43.80 -12.47
CA SER A 378 17.86 -43.19 -13.62
C SER A 378 16.34 -43.31 -13.52
N GLU A 379 15.65 -42.57 -14.38
CA GLU A 379 14.19 -42.60 -14.43
C GLU A 379 13.74 -42.01 -15.76
N TRP A 380 12.53 -42.34 -16.17
CA TRP A 380 12.00 -41.79 -17.41
C TRP A 380 10.50 -41.63 -17.32
N GLU A 381 9.97 -40.70 -18.13
CA GLU A 381 8.54 -40.48 -18.18
C GLU A 381 8.09 -40.21 -19.61
N ARG A 382 6.93 -40.74 -19.97
CA ARG A 382 6.31 -40.41 -21.24
C ARG A 382 4.91 -39.89 -20.96
N ASP A 383 4.64 -38.65 -21.40
CA ASP A 383 3.31 -38.06 -21.24
C ASP A 383 2.66 -37.86 -22.59
N ILE A 384 1.34 -37.95 -22.63
CA ILE A 384 0.58 -37.47 -23.78
C ILE A 384 -0.58 -36.62 -23.27
N SER A 385 -0.99 -35.67 -24.10
CA SER A 385 -2.16 -34.90 -23.81
C SER A 385 -2.92 -34.76 -25.12
N LEU A 386 -4.16 -35.24 -25.11
CA LEU A 386 -5.07 -35.07 -26.24
C LEU A 386 -6.20 -34.18 -25.76
N ALA A 387 -6.44 -33.08 -26.45
CA ALA A 387 -7.48 -32.13 -26.04
C ALA A 387 -8.33 -31.69 -27.21
N TYR A 388 -9.64 -31.59 -26.97
CA TYR A 388 -10.55 -30.99 -27.93
C TYR A 388 -11.38 -29.90 -27.28
N VAL A 389 -11.26 -28.70 -27.81
CA VAL A 389 -12.12 -27.61 -27.40
C VAL A 389 -13.08 -27.26 -28.54
N ILE A 390 -14.38 -27.39 -28.28
CA ILE A 390 -15.40 -27.11 -29.29
C ILE A 390 -15.31 -25.66 -29.73
N PRO A 391 -14.99 -25.44 -31.02
CA PRO A 391 -14.66 -24.13 -31.60
C PRO A 391 -15.86 -23.21 -31.85
N ASP A 392 -17.04 -23.77 -32.07
CA ASP A 392 -18.19 -22.95 -32.41
C ASP A 392 -19.51 -23.54 -31.94
N GLY A 393 -20.61 -22.90 -32.31
CA GLY A 393 -21.92 -23.39 -31.95
C GLY A 393 -22.27 -23.13 -30.49
N THR A 394 -23.28 -23.84 -30.01
CA THR A 394 -23.83 -23.59 -28.67
C THR A 394 -22.89 -24.06 -27.55
N PHE A 395 -22.10 -25.09 -27.84
CA PHE A 395 -21.17 -25.64 -26.84
C PHE A 395 -19.74 -25.15 -27.07
N LYS A 396 -19.62 -24.04 -27.80
CA LYS A 396 -18.34 -23.40 -28.02
C LYS A 396 -17.65 -23.14 -26.70
N GLY A 397 -16.41 -23.58 -26.58
CA GLY A 397 -15.65 -23.36 -25.37
C GLY A 397 -15.66 -24.55 -24.43
N LEU A 398 -16.54 -25.52 -24.69
CA LEU A 398 -16.53 -26.77 -23.92
C LEU A 398 -15.28 -27.58 -24.27
N GLY A 399 -14.47 -27.91 -23.29
CA GLY A 399 -13.22 -28.58 -23.57
C GLY A 399 -13.12 -29.96 -22.95
N PHE A 400 -12.51 -30.88 -23.69
CA PHE A 400 -12.29 -32.24 -23.22
C PHE A 400 -10.80 -32.56 -23.28
N THR A 401 -10.23 -33.04 -22.18
CA THR A 401 -8.80 -33.32 -22.14
C THR A 401 -8.46 -34.69 -21.54
N TRP A 402 -7.66 -35.47 -22.24
CA TRP A 402 -7.12 -36.72 -21.70
C TRP A 402 -5.62 -36.58 -21.54
N LYS A 403 -5.13 -36.77 -20.32
CA LYS A 403 -3.68 -36.78 -20.09
C LYS A 403 -3.29 -38.16 -19.60
N ASN A 404 -2.28 -38.77 -20.22
CA ASN A 404 -1.76 -40.04 -19.72
C ASN A 404 -0.26 -39.94 -19.47
N ALA A 405 0.19 -40.52 -18.36
CA ALA A 405 1.61 -40.54 -18.05
C ALA A 405 2.07 -41.93 -17.63
N SER A 406 3.27 -42.32 -18.07
CA SER A 406 3.95 -43.50 -17.56
C SER A 406 5.28 -43.06 -17.00
N PHE A 407 5.56 -43.47 -15.76
CA PHE A 407 6.73 -43.04 -15.01
C PHE A 407 7.40 -44.28 -14.42
N ARG A 408 8.69 -44.42 -14.67
CA ARG A 408 9.44 -45.54 -14.12
C ARG A 408 10.72 -45.00 -13.51
N SER A 409 10.99 -45.41 -12.28
CA SER A 409 12.11 -44.87 -11.51
C SER A 409 12.84 -45.94 -10.71
N GLY A 410 13.97 -45.58 -10.11
CA GLY A 410 14.74 -46.50 -9.28
C GLY A 410 15.70 -47.38 -10.06
N ASP A 422 7.10 -47.16 -9.61
CA ASP A 422 6.54 -47.06 -10.95
C ASP A 422 5.05 -46.75 -10.91
N GLN A 423 4.64 -45.84 -11.80
CA GLN A 423 3.33 -45.21 -11.69
C GLN A 423 2.80 -44.94 -13.09
N ASP A 424 1.52 -45.25 -13.31
CA ASP A 424 0.80 -44.86 -14.51
C ASP A 424 -0.39 -44.02 -14.05
N GLU A 425 -0.71 -42.98 -14.81
CA GLU A 425 -1.75 -42.05 -14.39
C GLU A 425 -2.58 -41.60 -15.59
N ASN A 426 -3.89 -41.57 -15.42
CA ASN A 426 -4.79 -40.98 -16.41
C ASN A 426 -5.56 -39.85 -15.77
N ARG A 427 -5.66 -38.74 -16.49
CA ARG A 427 -6.61 -37.70 -16.13
C ARG A 427 -7.61 -37.48 -17.26
N LEU A 428 -8.87 -37.29 -16.87
CA LEU A 428 -9.90 -36.89 -17.81
C LEU A 428 -10.51 -35.62 -17.28
N ILE A 429 -10.48 -34.56 -18.09
CA ILE A 429 -10.95 -33.27 -17.65
C ILE A 429 -11.92 -32.68 -18.65
N VAL A 430 -13.11 -32.33 -18.16
CA VAL A 430 -14.07 -31.57 -18.97
C VAL A 430 -14.22 -30.21 -18.32
N SER A 431 -14.07 -29.15 -19.12
CA SER A 431 -14.04 -27.82 -18.55
C SER A 431 -14.88 -26.85 -19.37
N TYR A 432 -15.44 -25.85 -18.70
CA TYR A 432 -16.25 -24.84 -19.37
C TYR A 432 -16.22 -23.56 -18.56
N THR A 433 -15.90 -22.46 -19.22
CA THR A 433 -15.87 -21.17 -18.55
C THR A 433 -16.93 -20.26 -19.14
N LEU A 434 -17.73 -19.63 -18.29
CA LEU A 434 -18.77 -18.73 -18.80
C LEU A 434 -18.82 -17.39 -18.09
N PRO A 435 -19.11 -16.33 -18.87
CA PRO A 435 -19.26 -14.97 -18.34
C PRO A 435 -20.49 -14.75 -17.43
N LEU A 436 -20.30 -14.11 -16.27
CA LEU A 436 -21.37 -13.83 -15.32
C LEU A 436 -21.44 -12.33 -15.01
N LEU A 437 -20.79 -11.50 -15.81
CA LEU A 437 -20.55 -10.07 -15.50
C LEU A 437 -21.22 -9.49 -14.24
N ALA B 7 17.94 23.84 38.17
CA ALA B 7 17.18 24.60 37.18
C ALA B 7 17.80 25.98 36.95
N GLY B 8 17.88 26.41 35.70
CA GLY B 8 18.45 27.71 35.38
C GLY B 8 18.48 27.94 33.88
N PHE B 9 18.98 29.11 33.48
CA PHE B 9 18.96 29.52 32.07
C PHE B 9 19.76 28.54 31.21
N ILE B 10 20.98 28.25 31.66
CA ILE B 10 21.93 27.39 30.94
C ILE B 10 21.62 25.91 31.12
N GLU B 11 21.38 25.49 32.36
CA GLU B 11 21.22 24.06 32.66
C GLU B 11 20.00 23.47 31.97
N ASP B 12 18.95 24.28 31.80
CA ASP B 12 17.73 23.78 31.18
C ASP B 12 17.61 24.16 29.69
N SER B 13 18.64 24.83 29.15
CA SER B 13 18.66 25.14 27.72
C SER B 13 18.63 23.89 26.86
N LYS B 14 17.88 23.95 25.76
CA LYS B 14 17.69 22.84 24.84
C LYS B 14 17.80 23.35 23.42
N ALA B 15 18.18 22.47 22.50
CA ALA B 15 18.19 22.82 21.08
C ALA B 15 17.95 21.57 20.25
N SER B 16 17.31 21.76 19.11
CA SER B 16 16.97 20.65 18.24
C SER B 16 17.19 21.08 16.79
N LEU B 17 17.55 20.13 15.93
CA LEU B 17 17.62 20.39 14.50
C LEU B 17 16.81 19.35 13.77
N THR B 18 15.85 19.81 12.96
CA THR B 18 15.09 18.92 12.12
C THR B 18 15.48 19.14 10.67
N LEU B 19 15.75 18.05 9.96
CA LEU B 19 16.11 18.11 8.56
C LEU B 19 14.90 17.57 7.81
N ARG B 20 14.41 18.34 6.86
CA ARG B 20 13.21 17.93 6.14
C ARG B 20 13.46 18.01 4.65
N ASN B 21 13.45 16.86 3.98
CA ASN B 21 13.52 16.85 2.54
C ASN B 21 12.10 16.74 2.03
N PHE B 22 11.65 17.77 1.32
CA PHE B 22 10.25 17.91 0.94
C PHE B 22 10.06 18.01 -0.56
N TYR B 23 9.33 17.05 -1.11
CA TYR B 23 8.97 17.03 -2.52
C TYR B 23 7.46 17.12 -2.67
N ILE B 24 7.00 17.98 -3.56
CA ILE B 24 5.57 18.03 -3.86
C ILE B 24 5.32 18.16 -5.36
N ASN B 25 4.34 17.41 -5.86
CA ASN B 25 3.90 17.67 -7.22
C ASN B 25 2.39 17.78 -7.29
N THR B 26 1.91 18.67 -8.16
CA THR B 26 0.48 18.90 -8.25
C THR B 26 0.02 18.86 -9.70
N ASP B 27 -1.15 18.27 -9.92
CA ASP B 27 -1.83 18.33 -11.22
C ASP B 27 -3.14 19.08 -11.04
N ASN B 28 -3.38 20.08 -11.89
CA ASN B 28 -4.60 20.89 -11.85
C ASN B 28 -5.33 20.88 -13.19
N ARG B 29 -6.50 20.24 -13.23
CA ARG B 29 -7.35 20.26 -14.42
C ARG B 29 -8.57 21.14 -14.15
N ASN B 30 -8.70 22.24 -14.89
CA ASN B 30 -9.84 23.15 -14.73
C ASN B 30 -10.52 23.51 -16.04
N SER B 36 -2.44 21.92 -16.02
CA SER B 36 -1.26 22.51 -15.40
C SER B 36 -0.64 21.61 -14.33
N LYS B 37 0.64 21.28 -14.52
CA LYS B 37 1.38 20.49 -13.55
C LYS B 37 2.48 21.33 -12.92
N GLN B 38 2.81 21.03 -11.67
CA GLN B 38 3.88 21.75 -10.98
C GLN B 38 4.59 20.83 -10.00
N GLU B 39 5.85 21.11 -9.73
CA GLU B 39 6.66 20.22 -8.95
C GLU B 39 7.67 21.09 -8.21
N GLU B 40 7.89 20.79 -6.93
CA GLU B 40 8.86 21.54 -6.14
C GLU B 40 9.61 20.59 -5.22
N TRP B 41 10.90 20.87 -5.01
CA TRP B 41 11.74 20.02 -4.21
C TRP B 41 12.69 20.91 -3.42
N GLY B 42 12.75 20.70 -2.12
CA GLY B 42 13.62 21.50 -1.27
C GLY B 42 14.15 20.74 -0.09
N GLN B 43 15.24 21.27 0.46
CA GLN B 43 15.82 20.72 1.67
C GLN B 43 15.65 21.77 2.75
N GLY B 44 15.05 21.37 3.86
CA GLY B 44 14.74 22.29 4.93
C GLY B 44 15.57 22.00 6.17
N PHE B 45 15.86 23.06 6.92
CA PHE B 45 16.61 22.97 8.15
C PHE B 45 15.84 23.80 9.16
N ILE B 46 15.47 23.14 10.25
CA ILE B 46 14.68 23.82 11.29
C ILE B 46 15.44 23.68 12.60
N LEU B 47 15.99 24.80 13.05
CA LEU B 47 16.83 24.84 14.23
C LEU B 47 16.09 25.56 15.35
N ASN B 48 15.69 24.80 16.37
CA ASN B 48 14.94 25.34 17.48
C ASN B 48 15.83 25.46 18.71
N TYR B 49 15.94 26.66 19.27
CA TYR B 49 16.68 26.84 20.52
C TYR B 49 15.72 27.32 21.61
N GLN B 50 15.76 26.67 22.77
CA GLN B 50 14.91 27.07 23.89
C GLN B 50 15.76 27.21 25.13
N SER B 51 15.86 28.41 25.69
CA SER B 51 16.67 28.55 26.89
C SER B 51 15.90 27.98 28.09
N GLY B 52 16.60 27.83 29.21
CA GLY B 52 15.91 27.61 30.48
C GLY B 52 15.46 28.98 30.98
N PHE B 53 14.95 29.02 32.21
CA PHE B 53 14.60 30.29 32.84
C PHE B 53 15.60 30.66 33.92
N THR B 54 16.00 31.93 33.94
CA THR B 54 16.85 32.42 35.02
C THR B 54 16.16 32.11 36.35
N GLN B 55 16.95 31.90 37.38
CA GLN B 55 16.41 31.54 38.68
C GLN B 55 15.69 32.71 39.33
N GLY B 56 14.69 32.39 40.13
CA GLY B 56 13.93 33.42 40.83
C GLY B 56 12.45 33.23 40.62
N THR B 57 11.68 34.00 41.39
CA THR B 57 10.22 33.95 41.31
C THR B 57 9.73 34.27 39.92
N VAL B 58 10.34 35.29 39.30
CA VAL B 58 10.09 35.62 37.91
C VAL B 58 11.33 35.24 37.09
N GLY B 59 11.20 34.18 36.31
CA GLY B 59 12.29 33.70 35.49
C GLY B 59 12.22 34.32 34.10
N PHE B 60 13.38 34.51 33.47
CA PHE B 60 13.40 35.08 32.13
C PHE B 60 14.16 34.17 31.18
N GLY B 61 13.76 34.15 29.92
CA GLY B 61 14.44 33.31 28.95
C GLY B 61 14.32 33.87 27.55
N VAL B 62 14.89 33.15 26.60
CA VAL B 62 14.73 33.49 25.18
C VAL B 62 14.67 32.19 24.35
N ASP B 63 13.80 32.19 23.35
CA ASP B 63 13.73 31.10 22.38
C ASP B 63 14.15 31.63 20.99
N ALA B 64 14.71 30.77 20.14
CA ALA B 64 15.05 31.18 18.78
C ALA B 64 14.64 30.09 17.80
N LEU B 65 14.03 30.50 16.69
CA LEU B 65 13.63 29.55 15.66
C LEU B 65 14.28 29.95 14.35
N GLY B 66 15.27 29.18 13.92
CA GLY B 66 15.96 29.44 12.66
C GLY B 66 15.46 28.51 11.59
N LEU B 67 15.06 29.08 10.45
CA LEU B 67 14.49 28.31 9.35
C LEU B 67 15.27 28.56 8.06
N LEU B 68 15.67 27.50 7.38
CA LEU B 68 16.39 27.64 6.11
C LEU B 68 15.86 26.65 5.10
N GLY B 69 15.53 27.14 3.91
CA GLY B 69 15.07 26.28 2.84
C GLY B 69 15.95 26.47 1.62
N VAL B 70 16.41 25.36 1.04
CA VAL B 70 17.26 25.40 -0.13
C VAL B 70 16.59 24.60 -1.25
N ARG B 71 16.47 25.23 -2.43
CA ARG B 71 15.77 24.61 -3.55
C ARG B 71 16.63 23.57 -4.27
N LEU B 72 16.04 22.42 -4.55
CA LEU B 72 16.76 21.31 -5.18
C LEU B 72 16.42 21.14 -6.66
N GLY B 88 4.88 27.05 -6.21
CA GLY B 88 4.52 28.38 -5.79
C GLY B 88 4.05 28.38 -4.34
N THR B 89 4.12 27.22 -3.70
CA THR B 89 3.72 27.12 -2.32
C THR B 89 4.90 26.78 -1.44
N VAL B 90 6.01 26.36 -2.04
CA VAL B 90 7.17 26.02 -1.23
C VAL B 90 8.17 27.15 -1.09
N PHE B 91 8.55 27.78 -2.20
CA PHE B 91 9.59 28.82 -2.22
C PHE B 91 9.05 30.19 -2.61
N PRO B 92 9.63 31.25 -2.01
CA PRO B 92 9.36 32.61 -2.47
C PRO B 92 9.97 32.83 -3.85
N LEU B 93 9.56 33.91 -4.51
CA LEU B 93 10.03 34.25 -5.86
C LEU B 93 10.93 35.47 -5.80
N GLU B 94 11.84 35.56 -6.77
CA GLU B 94 12.57 36.80 -7.00
C GLU B 94 11.66 37.76 -7.75
N SER B 95 12.03 39.05 -7.80
CA SER B 95 11.28 40.03 -8.58
C SER B 95 11.19 39.55 -10.02
N ASN B 96 12.25 38.86 -10.44
CA ASN B 96 12.30 38.04 -11.64
C ASN B 96 10.97 37.35 -11.92
N GLY B 97 10.75 36.25 -11.24
CA GLY B 97 9.57 35.43 -11.41
C GLY B 97 9.95 34.02 -11.00
N GLU B 98 11.26 33.77 -11.04
CA GLU B 98 11.81 32.47 -10.69
C GLU B 98 11.86 32.27 -9.18
N PRO B 99 11.81 31.00 -8.73
CA PRO B 99 11.96 30.72 -7.30
C PRO B 99 13.37 31.03 -6.84
N VAL B 100 13.50 31.61 -5.66
CA VAL B 100 14.80 31.85 -5.05
C VAL B 100 15.61 30.57 -4.91
N HIS B 101 16.93 30.70 -4.77
CA HIS B 101 17.83 29.55 -4.53
C HIS B 101 17.68 29.04 -3.10
N ASP B 102 17.52 29.98 -2.17
CA ASP B 102 17.36 29.65 -0.77
C ASP B 102 16.59 30.77 -0.10
N PHE B 103 16.00 30.46 1.05
CA PHE B 103 15.38 31.50 1.85
C PHE B 103 15.45 31.14 3.34
N ALA B 104 15.60 32.16 4.18
CA ALA B 104 15.82 31.93 5.60
C ALA B 104 15.19 32.98 6.48
N SER B 105 14.87 32.61 7.71
CA SER B 105 14.34 33.56 8.67
C SER B 105 14.77 33.20 10.08
N LEU B 106 14.80 34.19 10.96
CA LEU B 106 15.08 33.95 12.37
C LEU B 106 13.95 34.52 13.21
N GLY B 107 13.34 33.68 14.03
CA GLY B 107 12.26 34.12 14.89
C GLY B 107 12.63 33.99 16.35
N LEU B 108 12.77 35.13 17.03
CA LEU B 108 13.11 35.16 18.45
C LEU B 108 11.87 35.39 19.30
N THR B 109 11.86 34.81 20.49
CA THR B 109 10.76 35.01 21.44
C THR B 109 11.32 35.28 22.83
N ALA B 110 10.97 36.43 23.42
CA ALA B 110 11.35 36.69 24.80
C ALA B 110 10.33 35.99 25.71
N LYS B 111 10.78 35.41 26.81
CA LYS B 111 9.86 34.75 27.72
C LYS B 111 10.12 35.05 29.18
N ALA B 112 9.06 34.97 29.97
CA ALA B 112 9.14 35.13 31.41
C ALA B 112 8.18 34.13 32.04
N LYS B 113 8.51 33.62 33.21
CA LYS B 113 7.66 32.63 33.83
C LYS B 113 7.58 32.84 35.34
N VAL B 114 6.36 32.73 35.86
CA VAL B 114 6.15 32.67 37.30
C VAL B 114 5.35 31.43 37.57
N SER B 115 5.90 30.54 38.40
CA SER B 115 5.29 29.25 38.69
C SER B 115 4.98 28.48 37.40
N ASN B 116 3.70 28.22 37.13
CA ASN B 116 3.29 27.51 35.92
C ASN B 116 2.61 28.44 34.91
N THR B 117 2.96 29.71 34.97
CA THR B 117 2.38 30.73 34.12
C THR B 117 3.46 31.39 33.29
N GLU B 118 3.39 31.22 31.97
CA GLU B 118 4.45 31.71 31.09
C GLU B 118 3.99 32.80 30.13
N PHE B 119 4.76 33.89 30.05
CA PHE B 119 4.53 34.98 29.10
C PHE B 119 5.53 34.87 27.96
N ARG B 120 5.05 35.03 26.73
CA ARG B 120 5.91 34.96 25.56
C ARG B 120 5.66 36.15 24.66
N TYR B 121 6.73 36.71 24.12
CA TYR B 121 6.61 37.89 23.29
C TYR B 121 7.56 37.82 22.11
N GLY B 122 7.03 37.87 20.89
CA GLY B 122 7.86 37.68 19.71
C GLY B 122 7.24 36.60 18.86
N THR B 123 8.06 35.64 18.44
CA THR B 123 7.59 34.56 17.57
C THR B 123 6.73 33.53 18.29
N LEU B 124 5.56 33.25 17.72
CA LEU B 124 4.61 32.31 18.32
C LEU B 124 4.16 31.30 17.26
N GLN B 125 3.86 30.08 17.70
CA GLN B 125 3.26 29.05 16.84
C GLN B 125 2.12 28.30 17.54
N PRO B 126 0.96 28.93 17.65
CA PRO B 126 -0.13 28.29 18.41
C PRO B 126 -0.75 27.09 17.69
N LYS B 127 -1.29 26.16 18.46
CA LYS B 127 -2.04 25.03 17.90
C LYS B 127 -3.37 24.94 18.64
N LEU B 128 -4.24 25.90 18.37
CA LEU B 128 -5.47 26.08 19.14
C LEU B 128 -6.66 26.03 18.21
N PRO B 129 -7.85 25.79 18.76
CA PRO B 129 -9.05 25.75 17.91
C PRO B 129 -9.33 27.02 17.13
N VAL B 130 -8.89 28.19 17.61
CA VAL B 130 -9.17 29.43 16.94
C VAL B 130 -7.95 29.97 16.19
N VAL B 131 -6.82 29.28 16.30
CA VAL B 131 -5.61 29.63 15.54
C VAL B 131 -4.55 28.53 15.61
N THR B 132 -4.21 27.98 14.45
CA THR B 132 -3.21 26.92 14.38
C THR B 132 -2.32 27.21 13.20
N TYR B 133 -1.01 27.14 13.40
CA TYR B 133 -0.07 27.43 12.32
C TYR B 133 -0.01 26.28 11.33
N ASN B 134 0.12 26.62 10.05
CA ASN B 134 0.30 25.62 9.00
C ASN B 134 1.74 25.18 8.85
N ASP B 135 1.92 23.89 8.60
CA ASP B 135 3.25 23.35 8.32
C ASP B 135 3.13 22.30 7.21
N GLY B 136 2.43 22.68 6.15
CA GLY B 136 2.17 21.76 5.05
C GLY B 136 3.22 21.73 3.95
N ARG B 137 4.27 22.55 4.07
CA ARG B 137 5.30 22.53 3.02
C ARG B 137 6.70 22.31 3.61
N LEU B 138 7.66 23.13 3.23
CA LEU B 138 9.05 22.94 3.64
C LEU B 138 9.36 23.51 5.03
N LEU B 139 8.93 24.74 5.26
CA LEU B 139 9.18 25.43 6.54
C LEU B 139 7.84 25.91 7.07
N PRO B 140 7.68 25.98 8.40
CA PRO B 140 6.39 26.29 9.01
C PRO B 140 6.00 27.77 9.01
N VAL B 141 4.70 28.04 9.07
CA VAL B 141 4.20 29.38 9.36
C VAL B 141 4.57 29.74 10.79
N THR B 142 4.90 31.01 11.01
CA THR B 142 5.03 31.54 12.36
C THR B 142 4.21 32.81 12.49
N PHE B 143 3.85 33.17 13.71
CA PHE B 143 3.13 34.43 13.96
C PHE B 143 3.98 35.31 14.86
N GLU B 144 3.66 36.60 14.89
CA GLU B 144 4.28 37.50 15.86
C GLU B 144 3.21 38.06 16.79
N GLY B 145 3.51 38.07 18.09
CA GLY B 145 2.56 38.65 19.03
C GLY B 145 2.97 38.44 20.46
N GLY B 146 2.00 38.55 21.37
CA GLY B 146 2.26 38.33 22.80
C GLY B 146 1.23 37.36 23.35
N GLN B 147 1.64 36.51 24.30
CA GLN B 147 0.79 35.45 24.80
C GLN B 147 1.09 35.09 26.27
N VAL B 148 0.06 34.73 27.02
CA VAL B 148 0.26 34.16 28.34
C VAL B 148 -0.44 32.81 28.39
N THR B 149 0.22 31.82 28.96
CA THR B 149 -0.40 30.51 29.17
C THR B 149 -0.21 30.14 30.62
N SER B 150 -1.10 29.31 31.13
CA SER B 150 -1.01 28.94 32.54
C SER B 150 -1.63 27.59 32.85
N THR B 151 -0.93 26.78 33.64
CA THR B 151 -1.52 25.58 34.20
C THR B 151 -1.61 25.66 35.73
N ASP B 152 -1.42 26.86 36.25
CA ASP B 152 -1.51 27.10 37.69
C ASP B 152 -2.91 26.90 38.26
N LEU B 153 -3.93 27.00 37.40
CA LEU B 153 -5.30 26.69 37.81
C LEU B 153 -5.57 25.20 37.58
N LYS B 154 -5.76 24.46 38.67
CA LYS B 154 -5.82 22.99 38.62
C LYS B 154 -6.84 22.44 37.62
N ASP B 155 -6.35 21.54 36.77
CA ASP B 155 -7.14 20.85 35.73
C ASP B 155 -7.45 21.74 34.50
N PHE B 156 -7.00 22.99 34.52
CA PHE B 156 -7.16 23.89 33.40
C PHE B 156 -5.83 24.16 32.73
N THR B 157 -5.86 24.33 31.41
CA THR B 157 -4.73 24.83 30.64
C THR B 157 -5.25 26.06 29.91
N LEU B 158 -4.85 27.24 30.37
CA LEU B 158 -5.44 28.50 29.93
C LEU B 158 -4.48 29.27 29.02
N VAL B 159 -5.03 30.06 28.10
CA VAL B 159 -4.19 30.87 27.22
C VAL B 159 -4.95 32.12 26.79
N ALA B 160 -4.20 33.20 26.60
CA ALA B 160 -4.73 34.44 26.04
C ALA B 160 -3.58 35.10 25.31
N GLY B 161 -3.86 35.72 24.18
CA GLY B 161 -2.78 36.31 23.41
C GLY B 161 -3.30 37.31 22.41
N GLN B 162 -2.37 37.98 21.75
CA GLN B 162 -2.69 38.93 20.71
C GLN B 162 -1.68 38.75 19.60
N LEU B 163 -2.15 38.56 18.37
CA LEU B 163 -1.26 38.38 17.23
C LEU B 163 -1.35 39.60 16.33
N GLU B 164 -0.24 39.94 15.70
CA GLU B 164 -0.18 41.11 14.84
C GLU B 164 0.16 40.77 13.39
N HIS B 165 1.07 39.82 13.19
CA HIS B 165 1.53 39.47 11.85
C HIS B 165 1.78 37.99 11.74
N SER B 166 1.95 37.51 10.53
CA SER B 166 2.30 36.12 10.28
CA SER B 166 2.33 36.12 10.31
C SER B 166 3.29 36.03 9.13
N LYS B 167 4.15 35.01 9.17
CA LYS B 167 5.12 34.75 8.11
C LYS B 167 4.73 33.43 7.47
N GLY B 168 4.36 33.48 6.20
CA GLY B 168 3.94 32.29 5.49
C GLY B 168 5.04 31.26 5.33
N ARG B 169 4.63 30.05 4.97
CA ARG B 169 5.54 28.92 4.86
C ARG B 169 6.52 29.14 3.70
N ASN B 170 6.13 29.98 2.75
CA ASN B 170 6.91 30.25 1.55
C ASN B 170 7.44 31.67 1.50
N SER B 171 7.67 32.25 2.68
CA SER B 171 8.06 33.66 2.78
C SER B 171 9.07 33.86 3.89
N THR B 172 9.74 35.02 3.86
CA THR B 172 10.61 35.42 4.95
C THR B 172 10.05 36.65 5.67
N ASP B 173 8.96 37.22 5.13
CA ASP B 173 8.41 38.48 5.63
C ASP B 173 7.18 38.29 6.51
N ASN B 174 7.08 39.11 7.56
CA ASN B 174 5.84 39.16 8.34
C ASN B 174 4.84 40.11 7.70
N ARG B 175 3.61 39.67 7.55
CA ARG B 175 2.56 40.46 6.93
C ARG B 175 1.36 40.51 7.85
N SER B 176 0.51 41.52 7.67
CA SER B 176 -0.74 41.62 8.44
C SER B 176 -1.68 40.45 8.16
N LEU B 177 -2.63 40.25 9.07
CA LEU B 177 -3.49 39.07 9.04
C LEU B 177 -4.72 39.28 8.18
N SER B 178 -5.20 38.24 7.52
CA SER B 178 -6.44 38.36 6.75
C SER B 178 -7.22 37.04 6.75
N ILE B 179 -8.30 37.02 5.97
CA ILE B 179 -9.13 35.85 5.80
C ILE B 179 -9.44 35.70 4.32
N ALA B 180 -9.89 34.51 3.93
CA ALA B 180 -10.27 34.24 2.55
C ALA B 180 -11.40 35.19 2.15
N GLY B 181 -11.26 35.79 0.97
CA GLY B 181 -12.23 36.76 0.49
C GLY B 181 -11.63 38.16 0.49
N ALA B 182 -10.70 38.40 1.41
CA ALA B 182 -10.07 39.72 1.53
C ALA B 182 -8.56 39.61 1.36
N ASN B 183 -8.08 38.39 1.17
CA ASN B 183 -6.64 38.16 1.27
C ASN B 183 -5.89 38.26 -0.07
N GLY B 184 -4.70 37.67 -0.11
CA GLY B 184 -3.84 37.82 -1.27
C GLY B 184 -3.07 39.12 -1.18
N SER B 185 -2.64 39.65 -2.33
CA SER B 185 -1.85 40.88 -2.34
C SER B 185 -2.32 41.89 -3.39
N SER B 186 -3.52 41.68 -3.93
CA SER B 186 -4.12 42.65 -4.86
C SER B 186 -4.36 43.99 -4.15
N ALA B 187 -4.66 45.02 -4.95
CA ALA B 187 -4.94 46.34 -4.39
C ALA B 187 -6.25 46.34 -3.61
N SER B 188 -7.12 45.39 -3.95
CA SER B 188 -8.43 45.28 -3.30
C SER B 188 -8.32 44.58 -1.94
N SER B 189 -7.18 43.91 -1.71
CA SER B 189 -7.01 43.12 -0.49
C SER B 189 -7.06 43.98 0.78
N ARG B 190 -7.56 43.39 1.85
CA ARG B 190 -7.61 44.09 3.13
C ARG B 190 -7.11 43.19 4.24
N ASP B 191 -6.53 43.79 5.26
CA ASP B 191 -6.02 43.01 6.35
C ASP B 191 -6.20 43.75 7.65
N SER B 192 -5.64 43.17 8.70
CA SER B 192 -5.80 43.71 10.03
C SER B 192 -4.57 43.32 10.81
N ASN B 193 -4.18 44.14 11.77
CA ASN B 193 -2.98 43.85 12.55
C ASN B 193 -3.30 43.52 14.00
N LYS B 194 -4.55 43.12 14.24
CA LYS B 194 -4.93 42.75 15.60
C LYS B 194 -5.84 41.52 15.67
N PHE B 195 -5.33 40.43 16.24
CA PHE B 195 -6.10 39.22 16.45
C PHE B 195 -6.00 38.83 17.91
N TYR B 196 -7.13 38.80 18.60
CA TYR B 196 -7.13 38.49 20.03
C TYR B 196 -7.67 37.11 20.21
N TYR B 197 -7.12 36.37 21.18
CA TYR B 197 -7.60 35.03 21.42
C TYR B 197 -7.47 34.67 22.90
N ALA B 198 -8.35 33.80 23.36
CA ALA B 198 -8.33 33.37 24.75
C ALA B 198 -9.11 32.08 24.81
N GLY B 199 -8.72 31.20 25.72
CA GLY B 199 -9.51 30.01 25.95
C GLY B 199 -8.81 29.04 26.86
N GLY B 200 -9.37 27.85 26.97
CA GLY B 200 -8.68 26.81 27.71
C GLY B 200 -9.27 25.44 27.51
N ASP B 201 -8.56 24.46 28.02
CA ASP B 201 -8.97 23.07 28.06
C ASP B 201 -9.20 22.75 29.51
N TYR B 202 -10.32 22.10 29.83
CA TYR B 202 -10.58 21.64 31.20
C TYR B 202 -10.64 20.11 31.23
N LYS B 203 -9.70 19.50 31.94
CA LYS B 203 -9.68 18.05 32.11
C LYS B 203 -10.64 17.68 33.23
N VAL B 204 -11.82 17.18 32.87
CA VAL B 204 -12.82 16.79 33.87
C VAL B 204 -12.34 15.59 34.66
N ASN B 205 -11.83 14.60 33.93
CA ASN B 205 -11.26 13.39 34.51
C ASN B 205 -10.35 12.76 33.45
N LYS B 206 -9.92 11.53 33.67
CA LYS B 206 -9.00 10.89 32.73
C LYS B 206 -9.58 10.70 31.33
N ASP B 207 -10.91 10.63 31.21
CA ASP B 207 -11.52 10.28 29.95
C ASP B 207 -12.14 11.46 29.21
N LEU B 208 -12.37 12.57 29.90
CA LEU B 208 -13.17 13.66 29.35
C LEU B 208 -12.52 15.03 29.49
N THR B 209 -12.41 15.75 28.38
CA THR B 209 -11.89 17.11 28.37
C THR B 209 -12.90 18.04 27.66
N LEU B 210 -13.09 19.23 28.21
CA LEU B 210 -13.95 20.27 27.62
C LEU B 210 -13.09 21.46 27.20
N GLN B 211 -13.56 22.21 26.22
CA GLN B 211 -12.79 23.32 25.70
C GLN B 211 -13.71 24.47 25.40
N TYR B 212 -13.24 25.68 25.67
CA TYR B 212 -13.88 26.89 25.17
C TYR B 212 -12.79 27.79 24.69
N TYR B 213 -12.95 28.33 23.49
CA TYR B 213 -12.01 29.29 22.92
C TYR B 213 -12.73 30.43 22.21
N TYR B 214 -12.06 31.59 22.20
CA TYR B 214 -12.57 32.79 21.57
C TYR B 214 -11.49 33.33 20.66
N GLY B 215 -11.88 33.78 19.48
CA GLY B 215 -10.95 34.41 18.56
C GLY B 215 -11.59 35.64 17.97
N ASN B 216 -10.82 36.71 17.80
CA ASN B 216 -11.34 37.98 17.25
C ASN B 216 -10.32 38.66 16.32
N LEU B 217 -10.51 38.53 15.01
CA LEU B 217 -9.73 39.30 14.06
C LEU B 217 -10.36 40.66 13.87
N ASP B 218 -9.65 41.70 14.33
CA ASP B 218 -10.18 43.05 14.35
C ASP B 218 -10.63 43.49 12.96
N ASP B 219 -11.87 43.99 12.90
CA ASP B 219 -12.53 44.46 11.68
C ASP B 219 -13.02 43.34 10.76
N PHE B 220 -12.88 42.10 11.19
CA PHE B 220 -13.35 40.99 10.38
C PHE B 220 -14.36 40.12 11.12
N TYR B 221 -13.93 39.48 12.21
CA TYR B 221 -14.82 38.53 12.86
C TYR B 221 -14.55 38.30 14.33
N LYS B 222 -15.59 37.85 15.02
CA LYS B 222 -15.44 37.23 16.34
C LYS B 222 -15.92 35.78 16.22
N GLN B 223 -15.25 34.90 16.94
CA GLN B 223 -15.50 33.49 16.78
C GLN B 223 -15.45 32.85 18.14
N HIS B 224 -16.50 32.10 18.46
CA HIS B 224 -16.56 31.26 19.66
C HIS B 224 -16.50 29.78 19.32
N PHE B 225 -15.82 29.03 20.17
CA PHE B 225 -15.67 27.59 19.99
C PHE B 225 -15.99 26.84 21.28
N LEU B 226 -16.74 25.74 21.16
CA LEU B 226 -16.88 24.78 22.25
C LEU B 226 -16.42 23.43 21.73
N GLY B 227 -15.71 22.66 22.56
CA GLY B 227 -15.21 21.37 22.15
C GLY B 227 -15.38 20.33 23.26
N LEU B 228 -15.52 19.08 22.86
CA LEU B 228 -15.55 17.99 23.83
C LEU B 228 -14.77 16.84 23.24
N ILE B 229 -13.91 16.24 24.06
CA ILE B 229 -13.18 15.06 23.65
C ILE B 229 -13.41 13.99 24.72
N HIS B 230 -13.98 12.86 24.34
CA HIS B 230 -14.22 11.79 25.30
C HIS B 230 -13.62 10.44 24.88
N ASN B 231 -12.96 9.76 25.81
CA ASN B 231 -12.38 8.45 25.49
C ASN B 231 -13.09 7.36 26.29
N TRP B 232 -13.63 6.37 25.58
CA TRP B 232 -14.51 5.36 26.17
C TRP B 232 -13.88 3.99 25.96
N GLN B 233 -13.42 3.37 27.05
CA GLN B 233 -12.83 2.05 26.95
C GLN B 233 -13.96 1.03 26.75
N ILE B 234 -13.95 0.37 25.60
CA ILE B 234 -14.92 -0.68 25.30
C ILE B 234 -14.17 -1.98 25.06
N GLY B 235 -14.05 -2.79 26.11
CA GLY B 235 -13.31 -4.03 26.04
C GLY B 235 -11.87 -3.82 25.65
N PRO B 236 -11.45 -4.44 24.53
CA PRO B 236 -10.07 -4.31 24.06
C PRO B 236 -9.85 -3.02 23.28
N GLY B 237 -10.94 -2.37 22.88
CA GLY B 237 -10.83 -1.16 22.07
C GLY B 237 -11.23 0.12 22.77
N VAL B 238 -10.97 1.24 22.11
CA VAL B 238 -11.37 2.54 22.67
C VAL B 238 -12.16 3.34 21.64
N LEU B 239 -13.28 3.92 22.09
CA LEU B 239 -14.06 4.83 21.28
C LEU B 239 -13.75 6.25 21.70
N LYS B 240 -13.30 7.06 20.75
CA LYS B 240 -13.01 8.46 21.01
C LYS B 240 -14.08 9.33 20.35
N THR B 241 -14.67 10.24 21.10
CA THR B 241 -15.72 11.13 20.59
C THR B 241 -15.20 12.57 20.56
N ASP B 242 -15.32 13.20 19.40
CA ASP B 242 -14.73 14.52 19.19
C ASP B 242 -15.88 15.39 18.70
N LEU B 243 -16.32 16.33 19.54
CA LEU B 243 -17.42 17.23 19.19
C LEU B 243 -16.92 18.67 19.12
N ARG B 244 -17.38 19.40 18.11
CA ARG B 244 -16.95 20.79 17.91
C ARG B 244 -18.14 21.64 17.49
N ALA B 245 -18.18 22.87 17.98
CA ALA B 245 -19.17 23.84 17.56
C ALA B 245 -18.50 25.19 17.51
N PHE B 246 -18.65 25.91 16.38
CA PHE B 246 -18.11 27.26 16.24
C PHE B 246 -19.23 28.25 15.91
N ASP B 247 -19.24 29.42 16.51
CA ASP B 247 -20.13 30.46 16.02
C ASP B 247 -19.23 31.61 15.56
N SER B 248 -19.34 32.01 14.30
CA SER B 248 -18.50 33.10 13.78
C SER B 248 -19.40 34.25 13.29
N SER B 249 -19.20 35.45 13.80
CA SER B 249 -19.99 36.60 13.35
C SER B 249 -19.10 37.78 13.00
N SER B 250 -19.69 38.84 12.45
CA SER B 250 -18.92 39.98 12.00
C SER B 250 -18.40 40.84 13.16
N ASP B 251 -17.28 41.52 12.90
CA ASP B 251 -16.71 42.47 13.85
C ASP B 251 -16.26 43.72 13.10
N GLY B 252 -16.44 44.88 13.72
CA GLY B 252 -15.96 46.13 13.13
C GLY B 252 -16.43 46.39 11.70
N LYS B 253 -15.47 46.64 10.81
CA LYS B 253 -15.76 47.00 9.42
C LYS B 253 -16.58 45.97 8.65
N ASN B 254 -16.31 44.70 8.88
CA ASN B 254 -17.04 43.64 8.21
C ASN B 254 -18.51 43.69 8.57
N GLY B 255 -18.80 44.22 9.75
CA GLY B 255 -20.17 44.29 10.24
C GLY B 255 -20.96 45.49 9.75
N SER B 256 -20.37 46.31 8.90
CA SER B 256 -21.07 47.48 8.38
C SER B 256 -21.06 47.47 6.87
N ARG B 257 -22.06 48.13 6.27
CA ARG B 257 -22.12 48.19 4.81
C ARG B 257 -20.90 48.88 4.20
N SER B 258 -20.53 50.03 4.76
CA SER B 258 -19.44 50.79 4.19
C SER B 258 -18.11 50.04 4.35
N GLY B 259 -17.94 49.33 5.47
CA GLY B 259 -16.74 48.55 5.68
C GLY B 259 -16.58 47.45 4.65
N ARG B 260 -17.69 46.77 4.35
CA ARG B 260 -17.67 45.69 3.35
C ARG B 260 -17.46 46.27 1.95
N ALA B 261 -18.13 47.39 1.68
CA ALA B 261 -17.90 48.15 0.44
C ALA B 261 -16.41 48.46 0.23
N ASP B 262 -15.67 48.67 1.33
CA ASP B 262 -14.24 48.96 1.23
C ASP B 262 -13.36 47.70 1.17
N GLY B 263 -13.99 46.52 1.25
CA GLY B 263 -13.23 45.30 1.04
C GLY B 263 -12.95 44.51 2.30
N TYR B 264 -13.57 44.89 3.42
CA TYR B 264 -13.48 44.05 4.63
C TYR B 264 -14.55 42.97 4.54
N VAL B 265 -14.28 41.97 3.72
CA VAL B 265 -15.26 40.93 3.44
C VAL B 265 -14.71 39.52 3.55
N SER B 266 -15.64 38.58 3.66
CA SER B 266 -15.34 37.15 3.70
C SER B 266 -15.94 36.51 2.45
N SER B 267 -15.28 35.47 1.95
CA SER B 267 -15.89 34.61 0.94
C SER B 267 -17.12 33.93 1.53
N GLY B 268 -18.09 33.66 0.67
CA GLY B 268 -19.32 33.01 1.06
C GLY B 268 -20.26 33.07 -0.13
N TYR B 269 -21.55 32.87 0.11
CA TYR B 269 -22.55 33.04 -0.93
C TYR B 269 -23.73 33.83 -0.39
N TYR B 270 -24.06 34.93 -1.06
CA TYR B 270 -25.00 35.90 -0.51
C TYR B 270 -26.14 36.22 -1.46
N GLY B 271 -26.35 35.38 -2.45
CA GLY B 271 -27.41 35.58 -3.41
C GLY B 271 -26.94 36.38 -4.61
N SER B 272 -27.62 36.15 -5.74
CA SER B 272 -27.45 36.93 -6.96
C SER B 272 -26.03 36.93 -7.50
N GLY B 273 -25.25 35.89 -7.20
CA GLY B 273 -23.89 35.80 -7.69
C GLY B 273 -22.85 36.52 -6.85
N VAL B 274 -23.23 37.12 -5.73
CA VAL B 274 -22.21 37.75 -4.90
C VAL B 274 -21.56 36.74 -3.94
N THR B 275 -20.23 36.72 -3.98
CA THR B 275 -19.47 35.72 -3.25
C THR B 275 -18.62 36.30 -2.14
N LYS B 276 -18.81 37.58 -1.82
CA LYS B 276 -18.09 38.22 -0.73
C LYS B 276 -19.08 39.02 0.12
N GLY B 277 -18.93 38.96 1.44
CA GLY B 277 -19.86 39.67 2.31
C GLY B 277 -19.57 39.57 3.78
N GLU B 278 -20.62 39.64 4.59
CA GLU B 278 -20.47 39.66 6.04
C GLU B 278 -20.11 38.27 6.55
N VAL B 279 -19.22 38.19 7.53
CA VAL B 279 -18.99 36.92 8.21
C VAL B 279 -20.28 36.49 8.91
N ASP B 280 -20.65 35.22 8.73
CA ASP B 280 -21.91 34.70 9.26
C ASP B 280 -21.88 33.19 9.07
N ASN B 281 -21.30 32.48 10.03
CA ASN B 281 -21.10 31.05 9.91
C ASN B 281 -21.25 30.30 11.24
N ARG B 282 -22.00 29.21 11.22
N ARG B 282 -21.97 29.19 11.20
CA ARG B 282 -22.02 28.29 12.34
CA ARG B 282 -22.06 28.28 12.34
C ARG B 282 -21.56 26.93 11.86
C ARG B 282 -21.61 26.89 11.90
N ALA B 283 -20.65 26.31 12.62
CA ALA B 283 -20.06 25.03 12.23
C ALA B 283 -20.28 24.05 13.37
N PHE B 284 -20.68 22.83 13.04
N PHE B 284 -20.66 22.82 13.04
CA PHE B 284 -20.90 21.79 14.06
CA PHE B 284 -20.87 21.80 14.07
C PHE B 284 -20.38 20.47 13.51
C PHE B 284 -20.42 20.47 13.54
N SER B 285 -19.59 19.75 14.29
CA SER B 285 -19.10 18.46 13.82
C SER B 285 -19.08 17.41 14.91
N GLY B 286 -19.19 16.16 14.51
CA GLY B 286 -18.97 15.03 15.42
C GLY B 286 -18.09 14.03 14.69
N LEU B 287 -17.02 13.60 15.35
CA LEU B 287 -16.13 12.61 14.74
C LEU B 287 -15.97 11.51 15.76
N PHE B 288 -16.22 10.26 15.36
CA PHE B 288 -16.11 9.12 16.26
C PHE B 288 -15.09 8.16 15.70
N THR B 289 -14.12 7.79 16.53
CA THR B 289 -13.03 6.97 16.05
C THR B 289 -12.90 5.78 16.99
N TYR B 290 -12.95 4.58 16.42
CA TYR B 290 -12.81 3.37 17.20
C TYR B 290 -11.49 2.69 16.86
N THR B 291 -10.72 2.37 17.90
CA THR B 291 -9.38 1.85 17.71
C THR B 291 -9.25 0.53 18.46
N VAL B 292 -8.84 -0.51 17.75
CA VAL B 292 -8.54 -1.79 18.40
C VAL B 292 -7.56 -2.64 17.57
N SER B 293 -6.65 -3.33 18.25
CA SER B 293 -5.74 -4.28 17.61
C SER B 293 -4.91 -3.68 16.47
N GLY B 294 -4.58 -2.40 16.58
CA GLY B 294 -3.82 -1.73 15.54
C GLY B 294 -4.70 -1.02 14.54
N HIS B 295 -5.98 -1.39 14.50
CA HIS B 295 -6.92 -0.78 13.56
C HIS B 295 -7.51 0.50 14.12
N SER B 296 -7.74 1.48 13.25
CA SER B 296 -8.55 2.63 13.64
C SER B 296 -9.57 2.91 12.54
N ILE B 297 -10.84 3.02 12.95
CA ILE B 297 -11.89 3.33 12.01
C ILE B 297 -12.69 4.52 12.52
N GLY B 298 -12.90 5.51 11.65
CA GLY B 298 -13.56 6.74 12.04
C GLY B 298 -14.73 7.11 11.16
N ALA B 299 -15.75 7.72 11.75
CA ALA B 299 -16.88 8.26 10.99
C ALA B 299 -17.20 9.65 11.54
N GLY B 300 -17.36 10.62 10.64
CA GLY B 300 -17.61 12.00 11.06
C GLY B 300 -18.59 12.76 10.20
N TYR B 301 -19.21 13.79 10.78
CA TYR B 301 -20.11 14.63 10.03
C TYR B 301 -19.91 16.06 10.45
N GLN B 302 -19.99 16.97 9.49
CA GLN B 302 -19.85 18.38 9.77
C GLN B 302 -20.93 19.15 9.01
N ILE B 303 -21.53 20.12 9.70
CA ILE B 303 -22.54 20.99 9.12
C ILE B 303 -22.11 22.45 9.21
N LEU B 304 -22.09 23.14 8.07
CA LEU B 304 -21.87 24.59 8.05
C LEU B 304 -23.13 25.34 7.64
N ASN B 305 -23.62 26.21 8.51
CA ASN B 305 -24.79 27.06 8.20
C ASN B 305 -24.40 28.53 8.20
N GLY B 306 -25.17 29.36 7.49
CA GLY B 306 -24.85 30.77 7.37
C GLY B 306 -24.36 31.12 5.98
N ASP B 307 -24.38 32.41 5.65
CA ASP B 307 -23.96 32.87 4.34
C ASP B 307 -22.45 32.89 4.08
N SER B 308 -21.62 32.92 5.11
CA SER B 308 -20.16 32.99 4.87
C SER B 308 -19.48 31.63 5.04
N ASP B 309 -18.32 31.45 4.38
CA ASP B 309 -17.47 30.29 4.68
C ASP B 309 -17.04 30.36 6.14
N PHE B 310 -16.49 29.27 6.63
CA PHE B 310 -15.90 29.27 7.95
C PHE B 310 -14.65 30.15 7.94
N PRO B 311 -14.57 31.16 8.81
CA PRO B 311 -13.40 32.04 8.83
C PRO B 311 -12.23 31.52 9.68
N PHE B 312 -11.02 31.76 9.20
CA PHE B 312 -9.78 31.39 9.90
C PHE B 312 -8.67 32.22 9.27
N LEU B 313 -7.58 32.42 10.01
CA LEU B 313 -6.51 33.29 9.54
C LEU B 313 -5.85 32.68 8.32
N ASN B 314 -5.69 33.49 7.27
CA ASN B 314 -5.36 32.98 5.94
C ASN B 314 -4.89 34.12 5.05
N ARG B 315 -3.58 34.26 4.86
CA ARG B 315 -3.02 35.38 4.09
C ARG B 315 -3.14 35.16 2.59
N GLY B 316 -3.37 33.91 2.18
CA GLY B 316 -3.39 33.60 0.76
C GLY B 316 -1.99 33.63 0.20
N ASP B 317 -1.87 33.80 -1.12
CA ASP B 317 -0.58 33.79 -1.80
C ASP B 317 0.26 32.54 -1.49
N GLY B 318 -0.40 31.41 -1.26
CA GLY B 318 0.29 30.13 -1.07
C GLY B 318 0.96 29.97 0.28
N GLU B 319 0.66 30.90 1.19
CA GLU B 319 1.37 30.97 2.46
C GLU B 319 0.92 29.90 3.46
N GLY B 320 -0.19 29.23 3.16
CA GLY B 320 -0.67 28.14 4.00
C GLY B 320 -1.53 28.60 5.14
N SER B 321 -2.60 27.87 5.40
CA SER B 321 -3.50 28.18 6.50
C SER B 321 -4.09 26.88 7.01
N THR B 322 -4.51 26.88 8.27
CA THR B 322 -5.14 25.71 8.84
C THR B 322 -6.41 26.07 9.57
N ALA B 323 -7.50 25.39 9.25
CA ALA B 323 -8.76 25.57 9.98
C ALA B 323 -8.89 24.39 10.93
N TYR B 324 -9.40 24.64 12.14
CA TYR B 324 -9.55 23.54 13.10
C TYR B 324 -10.89 22.84 12.86
N LEU B 325 -11.02 22.32 11.65
CA LEU B 325 -12.19 21.57 11.24
C LEU B 325 -11.78 20.12 11.00
N ILE B 326 -12.69 19.20 11.28
CA ILE B 326 -12.39 17.79 11.05
C ILE B 326 -12.26 17.47 9.56
N THR B 327 -12.58 18.46 8.72
CA THR B 327 -12.48 18.32 7.28
C THR B 327 -11.25 19.02 6.68
N ASP B 328 -10.36 19.52 7.54
CA ASP B 328 -9.16 20.18 7.02
C ASP B 328 -8.18 19.08 6.64
N VAL B 329 -8.07 18.79 5.35
CA VAL B 329 -7.29 17.64 4.90
C VAL B 329 -6.19 18.09 3.96
N GLN B 330 -5.74 17.21 3.07
CA GLN B 330 -4.54 17.51 2.30
C GLN B 330 -4.73 18.64 1.29
N ILE B 331 -5.84 18.60 0.58
CA ILE B 331 -6.09 19.62 -0.45
C ILE B 331 -7.23 20.55 -0.05
N GLY B 332 -8.40 19.98 0.20
CA GLY B 332 -9.55 20.80 0.52
C GLY B 332 -9.72 21.03 2.01
N LYS B 333 -10.62 21.94 2.38
CA LYS B 333 -10.97 22.13 3.78
C LYS B 333 -12.48 21.97 4.00
N PHE B 334 -13.24 21.83 2.91
CA PHE B 334 -14.69 21.64 2.97
C PHE B 334 -15.33 22.68 3.90
N GLN B 335 -14.91 23.93 3.71
CA GLN B 335 -15.22 24.99 4.64
C GLN B 335 -16.17 26.02 4.04
N ARG B 336 -16.75 25.68 2.90
CA ARG B 336 -17.57 26.61 2.13
C ARG B 336 -18.97 26.81 2.71
N ALA B 337 -19.51 28.02 2.55
CA ALA B 337 -20.84 28.36 3.06
C ALA B 337 -21.86 27.31 2.66
N GLY B 338 -22.53 26.72 3.66
CA GLY B 338 -23.62 25.80 3.40
C GLY B 338 -23.24 24.34 3.37
N GLU B 339 -21.95 24.07 3.26
CA GLU B 339 -21.48 22.72 2.97
C GLU B 339 -21.73 21.75 4.12
N ARG B 340 -22.31 20.59 3.81
CA ARG B 340 -22.33 19.50 4.79
C ARG B 340 -21.41 18.40 4.30
N THR B 341 -20.64 17.82 5.23
CA THR B 341 -19.58 16.92 4.82
C THR B 341 -19.59 15.68 5.70
N TRP B 342 -19.67 14.51 5.09
CA TRP B 342 -19.43 13.28 5.85
C TRP B 342 -18.06 12.68 5.51
N GLN B 343 -17.51 11.91 6.43
CA GLN B 343 -16.21 11.35 6.16
C GLN B 343 -16.06 9.99 6.83
N VAL B 344 -15.19 9.18 6.24
CA VAL B 344 -14.78 7.93 6.86
C VAL B 344 -13.26 7.84 6.83
N ARG B 345 -12.70 7.35 7.92
CA ARG B 345 -11.27 7.24 8.09
C ARG B 345 -10.90 5.77 8.38
N TYR B 346 -9.79 5.31 7.83
CA TYR B 346 -9.23 4.00 8.21
C TYR B 346 -7.72 4.10 8.36
N GLY B 347 -7.22 3.49 9.42
CA GLY B 347 -5.79 3.43 9.62
C GLY B 347 -5.36 2.10 10.21
N TYR B 348 -4.12 1.73 9.94
CA TYR B 348 -3.55 0.56 10.58
C TYR B 348 -2.12 0.83 10.99
N ASP B 349 -1.81 0.51 12.24
CA ASP B 349 -0.46 0.58 12.80
C ASP B 349 0.17 -0.81 12.71
N PHE B 350 1.18 -0.97 11.86
CA PHE B 350 1.80 -2.28 11.66
C PHE B 350 2.70 -2.74 12.80
N ALA B 351 2.76 -1.96 13.88
CA ALA B 351 3.48 -2.38 15.09
C ALA B 351 2.91 -3.70 15.61
N THR B 352 1.58 -3.80 15.57
CA THR B 352 0.87 -4.96 16.09
C THR B 352 1.24 -6.28 15.42
N VAL B 353 1.72 -6.21 14.18
CA VAL B 353 2.03 -7.40 13.41
C VAL B 353 3.54 -7.53 13.19
N GLY B 354 4.30 -6.73 13.92
CA GLY B 354 5.74 -6.88 13.93
C GLY B 354 6.55 -5.94 13.05
N VAL B 355 5.89 -4.95 12.46
CA VAL B 355 6.62 -3.96 11.68
C VAL B 355 6.47 -2.58 12.30
N PRO B 356 7.10 -2.35 13.45
CA PRO B 356 6.87 -1.07 14.14
C PRO B 356 7.46 0.08 13.32
N GLY B 357 6.78 1.21 13.32
CA GLY B 357 7.24 2.34 12.53
C GLY B 357 6.49 2.48 11.22
N LEU B 358 5.82 1.41 10.78
CA LEU B 358 5.03 1.45 9.56
C LEU B 358 3.55 1.71 9.87
N THR B 359 2.97 2.74 9.24
CA THR B 359 1.55 3.03 9.41
C THR B 359 0.90 3.39 8.08
N PHE B 360 -0.38 3.06 7.95
CA PHE B 360 -1.16 3.41 6.77
C PHE B 360 -2.41 4.15 7.24
N ASN B 361 -2.74 5.25 6.59
CA ASN B 361 -3.99 5.94 6.92
C ASN B 361 -4.67 6.41 5.65
N THR B 362 -5.98 6.42 5.66
CA THR B 362 -6.73 6.94 4.53
C THR B 362 -8.02 7.60 5.02
N ILE B 363 -8.51 8.58 4.28
CA ILE B 363 -9.74 9.26 4.64
C ILE B 363 -10.47 9.60 3.36
N TYR B 364 -11.78 9.44 3.39
CA TYR B 364 -12.64 9.85 2.29
C TYR B 364 -13.64 10.87 2.81
N LEU B 365 -13.80 11.98 2.09
CA LEU B 365 -14.77 13.01 2.48
C LEU B 365 -15.66 13.39 1.31
N SER B 366 -16.93 13.63 1.60
CA SER B 366 -17.88 13.97 0.56
C SER B 366 -18.71 15.17 1.04
N GLY B 367 -18.60 16.29 0.34
CA GLY B 367 -19.30 17.50 0.72
C GLY B 367 -20.37 17.88 -0.30
N ASP B 368 -21.50 18.39 0.18
CA ASP B 368 -22.56 18.81 -0.73
C ASP B 368 -23.35 19.97 -0.14
N LYS B 369 -24.35 20.45 -0.88
CA LYS B 369 -25.11 21.66 -0.54
C LYS B 369 -24.25 22.92 -0.42
N ILE B 370 -23.11 22.92 -1.11
CA ILE B 370 -22.26 24.11 -1.21
C ILE B 370 -23.05 25.17 -1.99
N LYS B 371 -23.27 26.34 -1.39
CA LYS B 371 -24.11 27.34 -2.03
C LYS B 371 -23.29 28.11 -3.05
N THR B 372 -23.77 28.18 -4.28
CA THR B 372 -23.02 28.88 -5.33
C THR B 372 -23.97 29.55 -6.29
N ALA B 373 -23.36 30.37 -7.15
CA ALA B 373 -24.08 31.07 -8.22
C ALA B 373 -24.73 30.09 -9.21
N ARG B 374 -24.22 28.85 -9.25
CA ARG B 374 -24.77 27.82 -10.13
C ARG B 374 -25.71 26.87 -9.42
N GLY B 375 -26.13 27.23 -8.21
CA GLY B 375 -26.95 26.35 -7.40
C GLY B 375 -26.07 25.45 -6.53
N ASP B 376 -26.69 24.47 -5.86
CA ASP B 376 -25.96 23.60 -4.93
C ASP B 376 -24.87 22.77 -5.60
N GLN B 377 -23.67 22.81 -5.04
CA GLN B 377 -22.58 21.99 -5.57
C GLN B 377 -22.02 20.94 -4.60
N SER B 378 -21.22 20.04 -5.13
CA SER B 378 -20.67 18.92 -4.38
C SER B 378 -19.18 18.80 -4.61
N GLU B 379 -18.48 18.13 -3.70
CA GLU B 379 -17.07 17.84 -3.91
C GLU B 379 -16.65 16.65 -3.04
N TRP B 380 -15.56 15.98 -3.41
CA TRP B 380 -15.02 14.89 -2.63
C TRP B 380 -13.49 14.82 -2.69
N GLU B 381 -12.91 14.22 -1.66
CA GLU B 381 -11.47 14.09 -1.58
C GLU B 381 -11.13 12.73 -0.99
N ARG B 382 -10.12 12.08 -1.54
CA ARG B 382 -9.57 10.87 -0.94
C ARG B 382 -8.09 11.11 -0.66
N ASP B 383 -7.68 10.96 0.60
CA ASP B 383 -6.27 11.09 0.98
C ASP B 383 -5.73 9.74 1.45
N ILE B 384 -4.47 9.43 1.12
CA ILE B 384 -3.80 8.30 1.74
C ILE B 384 -2.47 8.79 2.32
N SER B 385 -2.07 8.20 3.43
CA SER B 385 -0.77 8.52 3.99
C SER B 385 -0.07 7.23 4.40
N LEU B 386 1.09 6.97 3.79
CA LEU B 386 1.88 5.79 4.10
C LEU B 386 3.19 6.30 4.67
N ALA B 387 3.53 5.85 5.88
CA ALA B 387 4.69 6.36 6.59
C ALA B 387 5.51 5.26 7.23
N TYR B 388 6.82 5.33 7.06
CA TYR B 388 7.73 4.44 7.78
C TYR B 388 8.80 5.25 8.48
N VAL B 389 8.85 5.12 9.81
CA VAL B 389 9.90 5.69 10.62
C VAL B 389 10.76 4.55 11.20
N ILE B 390 12.03 4.53 10.85
CA ILE B 390 12.96 3.51 11.35
C ILE B 390 12.98 3.50 12.87
N PRO B 391 12.60 2.35 13.47
CA PRO B 391 12.34 2.18 14.90
C PRO B 391 13.57 1.87 15.76
N ASP B 392 14.71 1.58 15.14
CA ASP B 392 15.93 1.26 15.88
C ASP B 392 17.15 1.29 14.98
N GLY B 393 18.32 1.01 15.55
CA GLY B 393 19.56 1.04 14.78
C GLY B 393 20.12 2.45 14.67
N THR B 394 21.11 2.62 13.80
CA THR B 394 21.81 3.89 13.69
C THR B 394 20.95 4.97 13.03
N PHE B 395 19.95 4.54 12.26
CA PHE B 395 19.07 5.49 11.57
C PHE B 395 17.71 5.63 12.24
N LYS B 396 17.63 5.23 13.51
CA LYS B 396 16.40 5.36 14.28
C LYS B 396 15.88 6.79 14.26
N GLY B 397 14.65 6.98 13.82
CA GLY B 397 14.08 8.31 13.76
C GLY B 397 13.97 8.89 12.35
N LEU B 398 14.70 8.30 11.41
CA LEU B 398 14.59 8.70 10.01
C LEU B 398 13.22 8.26 9.49
N GLY B 399 12.42 9.22 9.04
CA GLY B 399 11.06 8.92 8.65
C GLY B 399 10.84 9.17 7.17
N PHE B 400 10.01 8.34 6.56
CA PHE B 400 9.68 8.45 5.16
C PHE B 400 8.17 8.50 5.04
N THR B 401 7.66 9.50 4.32
CA THR B 401 6.21 9.68 4.24
C THR B 401 5.80 9.98 2.80
N TRP B 402 4.75 9.29 2.35
CA TRP B 402 4.11 9.58 1.08
C TRP B 402 2.68 9.96 1.41
N LYS B 403 2.28 11.14 0.96
CA LYS B 403 0.88 11.56 1.13
C LYS B 403 0.33 11.80 -0.27
N ASN B 404 -0.79 11.16 -0.57
CA ASN B 404 -1.41 11.37 -1.86
C ASN B 404 -2.85 11.78 -1.68
N ALA B 405 -3.28 12.78 -2.46
CA ALA B 405 -4.65 13.29 -2.39
C ALA B 405 -5.22 13.49 -3.78
N SER B 406 -6.48 13.11 -3.96
CA SER B 406 -7.25 13.44 -5.14
C SER B 406 -8.49 14.21 -4.69
N PHE B 407 -8.66 15.39 -5.27
CA PHE B 407 -9.77 16.27 -4.96
C PHE B 407 -10.54 16.51 -6.24
N ARG B 408 -11.86 16.38 -6.18
CA ARG B 408 -12.71 16.62 -7.32
C ARG B 408 -13.85 17.55 -6.91
N SER B 409 -14.06 18.63 -7.66
CA SER B 409 -15.05 19.63 -7.26
C SER B 409 -15.77 20.28 -8.44
N GLY B 410 -16.73 21.13 -8.11
CA GLY B 410 -17.53 21.82 -9.12
C GLY B 410 -18.80 21.08 -9.48
N ASP B 422 -10.49 19.91 -10.58
CA ASP B 422 -9.86 18.69 -10.10
C ASP B 422 -8.36 18.84 -9.80
N GLN B 423 -7.93 18.32 -8.66
CA GLN B 423 -6.54 18.47 -8.25
C GLN B 423 -6.01 17.16 -7.70
N ASP B 424 -4.79 16.83 -8.11
CA ASP B 424 -4.08 15.67 -7.60
C ASP B 424 -2.79 16.20 -6.98
N GLU B 425 -2.36 15.59 -5.88
CA GLU B 425 -1.17 16.06 -5.20
C GLU B 425 -0.41 14.89 -4.59
N ASN B 426 0.91 14.87 -4.80
CA ASN B 426 1.77 13.93 -4.12
C ASN B 426 2.77 14.69 -3.29
N ARG B 427 2.96 14.27 -2.04
CA ARG B 427 4.06 14.78 -1.22
C ARG B 427 4.96 13.62 -0.83
N LEU B 428 6.27 13.82 -0.91
CA LEU B 428 7.21 12.85 -0.38
C LEU B 428 8.08 13.57 0.63
N ILE B 429 8.08 13.08 1.87
CA ILE B 429 8.82 13.73 2.94
C ILE B 429 9.78 12.78 3.63
N VAL B 430 11.05 13.18 3.67
CA VAL B 430 12.04 12.46 4.46
C VAL B 430 12.41 13.38 5.61
N SER B 431 12.31 12.88 6.84
CA SER B 431 12.52 13.74 8.00
C SER B 431 13.38 13.11 9.09
N TYR B 432 14.14 13.95 9.77
CA TYR B 432 15.02 13.50 10.85
C TYR B 432 15.23 14.62 11.85
N THR B 433 15.03 14.31 13.12
CA THR B 433 15.25 15.28 14.18
C THR B 433 16.37 14.80 15.09
N LEU B 434 17.31 15.69 15.37
CA LEU B 434 18.36 15.37 16.33
C LEU B 434 18.44 16.41 17.42
N PRO B 435 18.66 15.97 18.67
CA PRO B 435 19.00 16.85 19.79
C PRO B 435 20.36 17.55 19.62
N LEU B 436 20.41 18.85 19.92
CA LEU B 436 21.64 19.63 19.88
C LEU B 436 21.92 20.32 21.22
N LEU B 437 20.93 20.39 22.10
CA LEU B 437 20.95 21.22 23.33
C LEU B 437 22.25 21.98 23.62
#